data_3F9C
#
_entry.id   3F9C
#
_cell.length_a   116.375
_cell.length_b   82.400
_cell.length_c   96.511
_cell.angle_alpha   90.00
_cell.angle_beta   115.64
_cell.angle_gamma   90.00
#
_symmetry.space_group_name_H-M   'C 1 2 1'
#
loop_
_entity.id
_entity.type
_entity.pdbx_description
1 polymer 'Platelet-activating factor acetylhydrolase'
2 non-polymer 'DIISOPROPYL PHOSPHONATE'
3 water water
#
_entity_poly.entity_id   1
_entity_poly.type   'polypeptide(L)'
_entity_poly.pdbx_seq_one_letter_code
;AAASFGQTKIPRGNGPYSVGCTDLMFDHTNKGTFLRLYYPSQDNDRLDTLWIPNKEYFWGLSKFLGTHWLMGNILRLLFG
SMTTPANWNSPLRPGEKYPLVVFSHGLGAFRTLYSAIGIDLASHGFIVAAVEHRDRSASATYYFKDQSAAEIGDKSWLYL
RTLKQEEETHIRNEQVRQRAKECSQALSLILDIDHGKPVKNALDLKFDMEQLKDSIDREKIAVIGHSFGGATVIQTLSED
QRFRCGIALDAWMFPLGDEVYSRIPQPLFFINSEYFQYPANIIKMKKCYSPDKERKMITIRGSVHQNFADFTFATGKIIG
HMLKLKGDIDSNVAIDLSNKASLAFLQKHLGLHKDFDQWDCLIEGDDENLIPGTNINTTNQHI
;
_entity_poly.pdbx_strand_id   A,B
#
# COMPACT_ATOMS: atom_id res chain seq x y z
N THR A 8 21.18 -32.04 -10.58
CA THR A 8 19.85 -31.72 -11.20
C THR A 8 19.91 -30.73 -12.40
N LYS A 9 18.78 -30.55 -13.09
CA LYS A 9 18.85 -29.78 -14.33
C LYS A 9 18.11 -28.44 -14.32
N ILE A 10 17.52 -28.09 -13.18
CA ILE A 10 17.10 -26.70 -12.99
C ILE A 10 18.32 -25.81 -13.08
N PRO A 11 18.28 -24.81 -13.97
CA PRO A 11 19.46 -24.02 -14.25
C PRO A 11 19.82 -23.08 -13.10
N ARG A 12 21.11 -22.89 -12.84
CA ARG A 12 21.55 -21.81 -11.97
C ARG A 12 21.21 -20.47 -12.59
N GLY A 13 21.16 -19.41 -11.79
CA GLY A 13 20.88 -18.10 -12.30
C GLY A 13 22.09 -17.59 -13.02
N ASN A 14 21.87 -16.70 -14.00
CA ASN A 14 22.95 -16.13 -14.82
C ASN A 14 23.54 -14.84 -14.33
N GLY A 15 22.92 -14.21 -13.33
CA GLY A 15 23.41 -12.94 -12.80
C GLY A 15 24.61 -13.15 -11.89
N PRO A 16 25.26 -12.06 -11.51
CA PRO A 16 26.51 -12.00 -10.70
C PRO A 16 26.40 -12.41 -9.21
N TYR A 17 25.20 -12.27 -8.63
CA TYR A 17 25.01 -12.63 -7.22
C TYR A 17 24.81 -14.12 -7.03
N SER A 18 25.27 -14.62 -5.89
CA SER A 18 24.90 -15.96 -5.49
C SER A 18 23.51 -15.91 -4.85
N VAL A 19 22.87 -17.05 -4.76
CA VAL A 19 21.43 -17.09 -4.50
C VAL A 19 21.12 -17.99 -3.31
N GLY A 20 20.42 -17.44 -2.33
CA GLY A 20 20.02 -18.17 -1.13
C GLY A 20 18.55 -18.48 -1.19
N CYS A 21 18.07 -19.36 -0.33
CA CYS A 21 16.66 -19.73 -0.30
C CYS A 21 16.24 -20.16 1.10
N THR A 22 15.06 -19.69 1.50
CA THR A 22 14.47 -20.09 2.76
C THR A 22 12.94 -19.98 2.62
N ASP A 23 12.20 -20.45 3.63
CA ASP A 23 10.75 -20.35 3.68
C ASP A 23 10.28 -19.50 4.86
N LEU A 24 9.22 -18.73 4.63
CA LEU A 24 8.64 -17.89 5.67
C LEU A 24 7.15 -18.15 5.68
N MET A 25 6.61 -18.56 6.84
CA MET A 25 5.18 -18.56 7.08
C MET A 25 4.85 -17.67 8.30
N PHE A 26 3.94 -16.70 8.13
CA PHE A 26 3.51 -15.83 9.23
C PHE A 26 2.20 -15.11 8.87
N ASP A 27 1.15 -15.19 9.69
CA ASP A 27 1.09 -15.96 10.95
C ASP A 27 1.02 -17.47 10.62
N HIS A 28 0.94 -18.35 11.63
CA HIS A 28 0.92 -19.80 11.39
C HIS A 28 -0.40 -20.29 10.77
N THR A 29 -1.41 -19.45 10.68
CA THR A 29 -2.78 -19.95 10.37
C THR A 29 -3.08 -20.09 8.87
N ASN A 30 -4.25 -20.64 8.57
CA ASN A 30 -4.71 -20.79 7.19
C ASN A 30 -4.97 -19.44 6.48
N LYS A 31 -4.98 -18.37 7.28
CA LYS A 31 -5.13 -17.00 6.81
C LYS A 31 -3.84 -16.17 6.85
N GLY A 32 -2.77 -16.72 7.43
CA GLY A 32 -1.46 -16.13 7.39
C GLY A 32 -0.80 -16.25 6.02
N THR A 33 0.44 -15.77 5.91
CA THR A 33 1.17 -15.77 4.62
C THR A 33 2.15 -16.91 4.62
N PHE A 34 2.29 -17.57 3.46
CA PHE A 34 3.26 -18.59 3.25
C PHE A 34 3.96 -18.32 1.94
N LEU A 35 5.28 -18.21 2.02
CA LEU A 35 6.11 -17.89 0.88
C LEU A 35 7.48 -18.59 0.97
N ARG A 36 8.07 -18.92 -0.18
CA ARG A 36 9.49 -19.27 -0.32
C ARG A 36 10.20 -18.05 -0.83
N LEU A 37 11.32 -17.70 -0.20
CA LEU A 37 12.13 -16.54 -0.57
C LEU A 37 13.38 -16.95 -1.34
N TYR A 38 13.71 -16.20 -2.40
CA TYR A 38 15.00 -16.36 -3.09
C TYR A 38 15.64 -15.01 -2.98
N TYR A 39 16.94 -14.95 -2.71
CA TYR A 39 17.56 -13.65 -2.40
C TYR A 39 19.06 -13.72 -2.73
N PRO A 40 19.70 -12.55 -3.01
CA PRO A 40 21.18 -12.59 -3.14
C PRO A 40 21.76 -13.02 -1.83
N SER A 41 22.56 -14.07 -1.81
CA SER A 41 23.24 -14.44 -0.58
C SER A 41 24.65 -13.88 -0.49
N GLN A 42 25.12 -13.76 0.75
CA GLN A 42 26.43 -13.24 1.09
C GLN A 42 27.42 -14.18 0.42
N ASP A 43 27.25 -15.47 0.75
CA ASP A 43 28.09 -16.61 0.36
C ASP A 43 27.44 -17.59 -0.62
N ASN A 44 28.28 -18.46 -1.21
CA ASN A 44 27.88 -19.47 -2.21
C ASN A 44 28.53 -20.84 -1.93
N ASP A 45 28.01 -21.53 -0.92
CA ASP A 45 28.69 -22.68 -0.32
C ASP A 45 28.27 -24.05 -0.83
N ARG A 46 27.00 -24.18 -1.20
CA ARG A 46 26.46 -25.38 -1.81
C ARG A 46 25.03 -25.10 -2.31
N LEU A 47 24.71 -25.68 -3.46
CA LEU A 47 23.42 -25.51 -4.12
C LEU A 47 22.54 -26.68 -3.68
N ASP A 48 22.01 -26.58 -2.46
CA ASP A 48 21.46 -27.73 -1.72
C ASP A 48 19.94 -27.71 -1.37
N THR A 49 19.21 -26.71 -1.87
CA THR A 49 17.80 -26.55 -1.57
C THR A 49 16.96 -27.69 -2.16
N LEU A 50 16.12 -28.29 -1.32
CA LEU A 50 15.26 -29.33 -1.76
C LEU A 50 14.04 -28.75 -2.49
N TRP A 51 13.86 -29.25 -3.72
CA TRP A 51 12.92 -28.69 -4.67
C TRP A 51 11.43 -28.83 -4.25
N ILE A 52 11.00 -30.06 -3.98
CA ILE A 52 9.65 -30.35 -3.54
C ILE A 52 9.79 -30.93 -2.14
N PRO A 53 9.69 -30.08 -1.12
CA PRO A 53 10.25 -30.46 0.16
C PRO A 53 9.39 -31.39 1.06
N ASN A 54 8.20 -31.82 0.60
CA ASN A 54 7.28 -32.66 1.41
C ASN A 54 6.49 -33.65 0.55
N LYS A 55 6.17 -34.81 1.11
CA LYS A 55 5.59 -35.93 0.36
C LYS A 55 4.15 -35.66 -0.03
N GLU A 56 3.45 -34.92 0.80
CA GLU A 56 2.08 -34.50 0.52
C GLU A 56 1.89 -33.67 -0.79
N TYR A 57 2.97 -33.03 -1.30
CA TYR A 57 2.90 -32.29 -2.62
C TYR A 57 2.71 -33.23 -3.81
N PHE A 58 3.41 -34.38 -3.74
CA PHE A 58 3.27 -35.49 -4.70
C PHE A 58 1.88 -36.12 -4.67
N TRP A 59 1.31 -36.27 -3.49
CA TRP A 59 -0.09 -36.72 -3.39
C TRP A 59 -0.99 -35.66 -3.99
N GLY A 60 -0.70 -34.39 -3.68
CA GLY A 60 -1.44 -33.29 -4.26
C GLY A 60 -1.34 -33.26 -5.77
N LEU A 61 -0.11 -33.39 -6.28
CA LEU A 61 0.19 -33.30 -7.70
C LEU A 61 -0.50 -34.42 -8.44
N SER A 62 -0.45 -35.62 -7.89
CA SER A 62 -1.21 -36.77 -8.41
C SER A 62 -2.73 -36.52 -8.43
N LYS A 63 -3.31 -35.98 -7.35
CA LYS A 63 -4.72 -35.58 -7.33
C LYS A 63 -5.04 -34.59 -8.46
N PHE A 64 -4.06 -33.74 -8.81
CA PHE A 64 -4.22 -32.78 -9.90
C PHE A 64 -4.19 -33.46 -11.28
N LEU A 65 -3.28 -34.39 -11.48
CA LEU A 65 -3.23 -35.12 -12.75
C LEU A 65 -4.35 -36.13 -12.86
N GLY A 66 -5.32 -36.10 -11.95
CA GLY A 66 -6.49 -36.95 -12.02
C GLY A 66 -6.17 -38.44 -11.88
N THR A 67 -5.06 -38.76 -11.21
CA THR A 67 -4.69 -40.12 -10.89
C THR A 67 -4.78 -40.42 -9.40
N HIS A 68 -3.90 -41.31 -8.94
CA HIS A 68 -4.09 -42.13 -7.74
C HIS A 68 -2.93 -42.06 -6.72
N TRP A 69 -3.07 -42.83 -5.64
CA TRP A 69 -2.00 -43.06 -4.64
C TRP A 69 -0.69 -43.56 -5.27
N LEU A 70 -0.78 -44.36 -6.33
CA LEU A 70 0.41 -45.00 -6.93
C LEU A 70 1.29 -44.04 -7.74
N MET A 71 0.64 -43.16 -8.49
CA MET A 71 1.35 -42.11 -9.23
C MET A 71 2.05 -41.17 -8.25
N GLY A 72 1.36 -40.82 -7.16
CA GLY A 72 1.94 -40.02 -6.08
C GLY A 72 3.23 -40.60 -5.55
N ASN A 73 3.23 -41.92 -5.32
CA ASN A 73 4.46 -42.60 -4.88
C ASN A 73 5.55 -42.70 -5.95
N ILE A 74 5.14 -42.89 -7.20
CA ILE A 74 6.08 -42.78 -8.33
C ILE A 74 6.77 -41.39 -8.47
N LEU A 75 6.00 -40.30 -8.47
CA LEU A 75 6.56 -38.91 -8.47
C LEU A 75 7.56 -38.65 -7.36
N ARG A 76 7.22 -39.14 -6.17
CA ARG A 76 8.04 -38.96 -4.99
C ARG A 76 9.37 -39.66 -5.19
N LEU A 77 9.35 -40.83 -5.85
CA LEU A 77 10.58 -41.59 -6.12
C LEU A 77 11.46 -40.91 -7.16
N LEU A 78 10.84 -40.57 -8.28
CA LEU A 78 11.48 -39.72 -9.26
C LEU A 78 12.05 -38.40 -8.72
N PHE A 79 11.33 -37.69 -7.84
CA PHE A 79 11.70 -36.28 -7.57
C PHE A 79 11.96 -35.88 -6.10
N GLY A 80 11.70 -36.80 -5.17
CA GLY A 80 11.68 -36.51 -3.73
C GLY A 80 12.97 -35.96 -3.16
N SER A 81 14.04 -36.09 -3.95
CA SER A 81 15.40 -35.74 -3.52
C SER A 81 16.09 -34.76 -4.45
N MET A 82 15.38 -34.35 -5.50
CA MET A 82 15.88 -33.40 -6.45
C MET A 82 16.10 -32.11 -5.71
N THR A 83 17.20 -31.44 -5.97
CA THR A 83 17.47 -30.13 -5.44
C THR A 83 17.22 -29.04 -6.52
N THR A 84 17.37 -27.79 -6.10
CA THR A 84 17.30 -26.67 -6.99
C THR A 84 18.44 -25.71 -6.63
N PRO A 85 19.09 -25.13 -7.62
CA PRO A 85 20.36 -24.42 -7.32
C PRO A 85 20.30 -23.14 -6.50
N ALA A 86 20.00 -23.26 -5.20
CA ALA A 86 20.06 -22.12 -4.29
C ALA A 86 20.67 -22.60 -3.01
N ASN A 87 21.50 -21.76 -2.38
CA ASN A 87 22.06 -22.03 -1.03
C ASN A 87 20.96 -21.94 0.05
N TRP A 88 20.49 -23.09 0.54
CA TRP A 88 19.48 -23.15 1.60
C TRP A 88 19.89 -22.49 2.91
N ASN A 89 19.14 -21.44 3.31
CA ASN A 89 19.26 -20.69 4.57
C ASN A 89 20.53 -19.88 4.65
N SER A 90 21.07 -19.57 3.49
CA SER A 90 22.30 -18.81 3.43
C SER A 90 22.07 -17.36 3.87
N PRO A 91 23.08 -16.73 4.53
CA PRO A 91 22.94 -15.29 4.82
C PRO A 91 22.61 -14.36 3.63
N LEU A 92 21.75 -13.38 3.89
CA LEU A 92 21.39 -12.36 2.97
C LEU A 92 22.63 -11.47 2.77
N ARG A 93 22.91 -11.13 1.52
CA ARG A 93 24.01 -10.29 1.16
C ARG A 93 23.69 -8.89 1.66
N PRO A 94 24.61 -8.32 2.44
CA PRO A 94 24.28 -7.07 3.08
C PRO A 94 24.59 -5.82 2.25
N GLY A 95 24.36 -4.69 2.92
CA GLY A 95 24.77 -3.38 2.40
C GLY A 95 23.93 -2.81 1.29
N GLU A 96 22.82 -3.48 0.95
CA GLU A 96 22.00 -2.99 -0.17
C GLU A 96 20.53 -3.29 0.00
N LYS A 97 19.75 -2.42 -0.63
CA LYS A 97 18.30 -2.56 -0.73
C LYS A 97 17.99 -3.10 -2.11
N TYR A 98 17.38 -4.27 -2.10
CA TYR A 98 16.94 -4.98 -3.28
C TYR A 98 15.52 -4.64 -3.66
N PRO A 99 15.26 -4.52 -4.97
CA PRO A 99 13.91 -4.49 -5.53
C PRO A 99 13.27 -5.80 -5.22
N LEU A 100 11.94 -5.80 -5.13
CA LEU A 100 11.27 -6.98 -4.64
C LEU A 100 10.20 -7.45 -5.63
N VAL A 101 10.20 -8.77 -5.91
CA VAL A 101 9.18 -9.44 -6.73
C VAL A 101 8.29 -10.32 -5.86
N VAL A 102 6.97 -10.13 -5.97
CA VAL A 102 5.98 -11.13 -5.48
C VAL A 102 5.55 -12.07 -6.60
N PHE A 103 5.71 -13.37 -6.37
CA PHE A 103 5.39 -14.35 -7.41
C PHE A 103 4.19 -15.23 -7.09
N SER A 104 3.28 -15.33 -8.05
CA SER A 104 2.10 -16.15 -7.89
C SER A 104 2.12 -17.39 -8.80
N HIS A 105 2.03 -18.57 -8.21
CA HIS A 105 1.90 -19.85 -8.89
C HIS A 105 0.54 -20.13 -9.61
N GLY A 106 0.58 -21.04 -10.60
CA GLY A 106 -0.58 -21.48 -11.32
C GLY A 106 -1.38 -22.55 -10.59
N LEU A 107 -2.47 -22.93 -11.21
CA LEU A 107 -3.38 -23.94 -10.74
C LEU A 107 -2.61 -25.26 -10.73
N GLY A 108 -2.66 -25.97 -9.59
CA GLY A 108 -2.01 -27.27 -9.44
C GLY A 108 -0.55 -27.18 -9.08
N ALA A 109 -0.03 -25.96 -8.92
CA ALA A 109 1.35 -25.78 -8.50
C ALA A 109 1.39 -25.44 -7.01
N PHE A 110 2.53 -24.93 -6.55
CA PHE A 110 2.72 -24.47 -5.19
C PHE A 110 4.02 -23.65 -5.25
N ARG A 111 4.45 -23.12 -4.12
CA ARG A 111 5.45 -22.07 -4.10
C ARG A 111 6.84 -22.43 -4.64
N THR A 112 7.16 -23.71 -4.77
CA THR A 112 8.55 -24.16 -5.04
C THR A 112 8.87 -24.44 -6.51
N LEU A 113 7.85 -24.34 -7.37
CA LEU A 113 7.82 -24.88 -8.74
C LEU A 113 8.24 -23.87 -9.78
N TYR A 114 8.64 -22.70 -9.34
CA TYR A 114 9.14 -21.72 -10.29
C TYR A 114 10.46 -21.20 -9.82
N SER A 115 11.29 -22.12 -9.32
CA SER A 115 12.63 -21.76 -8.83
C SER A 115 13.59 -21.27 -9.90
N ALA A 116 13.44 -21.71 -11.14
CA ALA A 116 14.32 -21.24 -12.24
C ALA A 116 14.11 -19.75 -12.48
N ILE A 117 12.84 -19.33 -12.42
CA ILE A 117 12.52 -17.88 -12.49
C ILE A 117 13.09 -17.17 -11.25
N GLY A 118 12.68 -17.63 -10.06
CA GLY A 118 13.07 -17.02 -8.81
C GLY A 118 14.57 -16.96 -8.59
N ILE A 119 15.24 -18.11 -8.73
CA ILE A 119 16.71 -18.15 -8.64
C ILE A 119 17.40 -17.21 -9.67
N ASP A 120 16.93 -17.19 -10.92
CA ASP A 120 17.51 -16.23 -11.90
C ASP A 120 17.35 -14.77 -11.51
N LEU A 121 16.14 -14.37 -11.09
CA LEU A 121 15.90 -13.00 -10.69
C LEU A 121 16.80 -12.63 -9.49
N ALA A 122 16.90 -13.55 -8.54
CA ALA A 122 17.70 -13.35 -7.35
C ALA A 122 19.17 -13.17 -7.71
N SER A 123 19.66 -13.90 -8.71
CA SER A 123 21.07 -13.73 -9.12
C SER A 123 21.28 -12.38 -9.78
N HIS A 124 20.21 -11.67 -10.09
CA HIS A 124 20.35 -10.30 -10.63
C HIS A 124 20.02 -9.22 -9.61
N GLY A 125 19.81 -9.62 -8.36
CA GLY A 125 19.77 -8.65 -7.27
C GLY A 125 18.39 -8.44 -6.68
N PHE A 126 17.43 -9.28 -7.06
CA PHE A 126 16.08 -9.20 -6.56
C PHE A 126 15.95 -10.13 -5.35
N ILE A 127 15.07 -9.73 -4.44
CA ILE A 127 14.47 -10.68 -3.51
C ILE A 127 13.15 -11.10 -4.18
N VAL A 128 12.91 -12.40 -4.15
CA VAL A 128 11.67 -12.99 -4.66
C VAL A 128 10.92 -13.70 -3.55
N ALA A 129 9.66 -13.34 -3.40
CA ALA A 129 8.72 -13.97 -2.48
C ALA A 129 7.72 -14.76 -3.33
N ALA A 130 7.92 -16.06 -3.43
CA ALA A 130 6.97 -16.91 -4.15
C ALA A 130 5.95 -17.41 -3.15
N VAL A 131 4.72 -16.97 -3.35
CA VAL A 131 3.62 -17.19 -2.40
C VAL A 131 3.01 -18.59 -2.57
N GLU A 132 2.50 -19.20 -1.47
CA GLU A 132 1.70 -20.41 -1.62
C GLU A 132 0.26 -20.02 -1.29
N HIS A 133 -0.57 -20.20 -2.29
CA HIS A 133 -1.96 -19.83 -2.14
C HIS A 133 -2.71 -20.86 -1.34
N ARG A 134 -3.69 -20.38 -0.59
CA ARG A 134 -4.49 -21.20 0.28
C ARG A 134 -5.92 -21.08 -0.24
N ASP A 135 -6.09 -20.82 -1.53
CA ASP A 135 -7.40 -20.71 -2.14
C ASP A 135 -7.92 -22.08 -2.63
N ARG A 136 -7.14 -23.15 -2.35
CA ARG A 136 -7.36 -24.52 -2.85
C ARG A 136 -7.05 -24.70 -4.33
N SER A 137 -6.34 -23.72 -4.91
CA SER A 137 -5.81 -23.84 -6.28
C SER A 137 -4.47 -24.54 -6.27
N ALA A 138 -3.76 -24.55 -5.15
CA ALA A 138 -2.51 -25.28 -5.12
C ALA A 138 -2.83 -26.77 -5.04
N SER A 139 -1.98 -27.59 -5.64
CA SER A 139 -2.09 -29.04 -5.50
C SER A 139 -2.23 -29.33 -4.00
N ALA A 140 -1.22 -28.94 -3.23
CA ALA A 140 -1.33 -28.94 -1.77
C ALA A 140 -0.64 -27.72 -1.18
N THR A 141 -0.99 -27.43 0.07
CA THR A 141 -0.27 -26.49 0.84
C THR A 141 -0.55 -26.83 2.31
N TYR A 142 0.16 -26.21 3.24
CA TYR A 142 -0.20 -26.39 4.65
C TYR A 142 -0.16 -25.10 5.50
N TYR A 143 -0.61 -25.25 6.74
CA TYR A 143 -0.74 -24.23 7.73
C TYR A 143 -0.81 -24.97 9.06
N PHE A 144 -0.93 -24.22 10.15
CA PHE A 144 -0.91 -24.81 11.50
C PHE A 144 -2.14 -24.37 12.22
N LYS A 145 -2.72 -25.27 13.01
CA LYS A 145 -3.99 -24.96 13.71
C LYS A 145 -3.78 -24.11 14.98
N ASP A 146 -2.58 -24.12 15.53
CA ASP A 146 -2.29 -23.31 16.68
C ASP A 146 -0.82 -23.26 16.83
N GLN A 147 -0.34 -22.39 17.71
CA GLN A 147 1.07 -22.16 17.85
C GLN A 147 1.83 -23.41 18.33
N SER A 148 1.18 -24.24 19.15
CA SER A 148 1.83 -25.50 19.60
C SER A 148 2.04 -26.48 18.46
N ALA A 149 1.08 -26.53 17.51
CA ALA A 149 1.23 -27.41 16.36
C ALA A 149 2.43 -26.98 15.48
N ALA A 150 2.65 -25.67 15.40
CA ALA A 150 3.74 -25.10 14.61
C ALA A 150 5.10 -25.44 15.24
N GLU A 151 5.17 -25.40 16.58
CA GLU A 151 6.34 -25.87 17.33
C GLU A 151 6.63 -27.36 17.15
N ILE A 152 5.58 -28.17 17.07
CA ILE A 152 5.70 -29.64 16.89
C ILE A 152 5.99 -30.01 15.41
N GLY A 153 5.72 -29.08 14.49
CA GLY A 153 5.77 -29.32 13.04
C GLY A 153 4.57 -30.14 12.57
N ASP A 154 3.47 -30.03 13.33
CA ASP A 154 2.22 -30.77 13.10
C ASP A 154 1.33 -30.05 12.10
N LYS A 155 1.54 -30.36 10.82
CA LYS A 155 0.99 -29.64 9.69
C LYS A 155 -0.45 -30.03 9.42
N SER A 156 -1.30 -29.05 9.13
CA SER A 156 -2.59 -29.36 8.55
C SER A 156 -2.53 -29.13 7.03
N TRP A 157 -2.90 -30.15 6.24
CA TRP A 157 -2.83 -30.08 4.78
C TRP A 157 -4.12 -29.70 4.09
N LEU A 158 -3.97 -28.90 3.03
CA LEU A 158 -5.07 -28.41 2.22
C LEU A 158 -4.77 -28.80 0.78
N TYR A 159 -5.71 -29.47 0.11
CA TYR A 159 -5.47 -30.06 -1.22
C TYR A 159 -6.34 -29.35 -2.20
N LEU A 160 -5.93 -29.42 -3.46
CA LEU A 160 -6.65 -28.83 -4.56
C LEU A 160 -8.11 -29.20 -4.53
N ARG A 161 -8.96 -28.21 -4.76
CA ARG A 161 -10.39 -28.43 -4.93
C ARG A 161 -10.67 -28.70 -6.43
N THR A 162 -11.28 -29.84 -6.73
CA THR A 162 -11.82 -29.97 -8.10
C THR A 162 -13.23 -29.37 -8.22
N LEU A 163 -13.52 -28.78 -9.37
CA LEU A 163 -14.73 -28.00 -9.56
C LEU A 163 -15.66 -28.66 -10.58
N LYS A 164 -16.97 -28.46 -10.39
CA LYS A 164 -17.93 -28.81 -11.43
C LYS A 164 -17.98 -27.64 -12.42
N GLN A 165 -18.21 -27.91 -13.69
CA GLN A 165 -18.35 -26.82 -14.67
C GLN A 165 -19.23 -25.66 -14.16
N GLU A 166 -20.38 -25.97 -13.57
CA GLU A 166 -21.28 -24.95 -13.02
C GLU A 166 -20.68 -24.10 -11.87
N GLU A 167 -19.53 -24.53 -11.34
CA GLU A 167 -18.85 -23.81 -10.26
C GLU A 167 -17.76 -22.86 -10.78
N GLU A 168 -17.20 -23.22 -11.94
CA GLU A 168 -16.01 -22.63 -12.51
C GLU A 168 -15.95 -21.10 -12.49
N THR A 169 -17.04 -20.43 -12.88
CA THR A 169 -17.00 -18.99 -13.04
C THR A 169 -16.91 -18.27 -11.68
N HIS A 170 -17.79 -18.64 -10.76
CA HIS A 170 -17.87 -18.01 -9.46
C HIS A 170 -16.63 -18.33 -8.62
N ILE A 171 -16.17 -19.57 -8.67
CA ILE A 171 -15.12 -20.05 -7.78
C ILE A 171 -13.77 -19.58 -8.24
N ARG A 172 -13.50 -19.64 -9.55
CA ARG A 172 -12.25 -19.09 -10.07
C ARG A 172 -12.13 -17.61 -9.77
N ASN A 173 -13.25 -16.90 -9.87
CA ASN A 173 -13.24 -15.51 -9.50
C ASN A 173 -12.95 -15.23 -8.03
N GLU A 174 -13.54 -16.00 -7.11
CA GLU A 174 -13.32 -15.87 -5.67
C GLU A 174 -11.90 -16.18 -5.29
N GLN A 175 -11.33 -17.14 -5.99
CA GLN A 175 -9.94 -17.54 -5.86
C GLN A 175 -8.94 -16.49 -6.38
N VAL A 176 -9.22 -15.83 -7.50
CA VAL A 176 -8.34 -14.78 -7.96
C VAL A 176 -8.38 -13.60 -6.98
N ARG A 177 -9.54 -13.31 -6.41
CA ARG A 177 -9.65 -12.28 -5.38
C ARG A 177 -8.81 -12.59 -4.13
N GLN A 178 -8.93 -13.81 -3.63
CA GLN A 178 -8.15 -14.24 -2.47
C GLN A 178 -6.70 -14.20 -2.81
N ARG A 179 -6.35 -14.70 -4.02
CA ARG A 179 -4.98 -14.73 -4.51
C ARG A 179 -4.29 -13.37 -4.50
N ALA A 180 -4.96 -12.37 -5.09
CA ALA A 180 -4.60 -10.92 -5.05
C ALA A 180 -4.39 -10.47 -3.60
N LYS A 181 -5.34 -10.78 -2.72
CA LYS A 181 -5.19 -10.49 -1.29
C LYS A 181 -3.97 -11.15 -0.63
N GLU A 182 -3.68 -12.38 -1.00
CA GLU A 182 -2.44 -13.08 -0.57
C GLU A 182 -1.18 -12.43 -1.09
N CYS A 183 -1.21 -11.94 -2.32
CA CYS A 183 -0.04 -11.23 -2.84
C CYS A 183 0.18 -9.94 -2.09
N SER A 184 -0.90 -9.21 -1.86
CA SER A 184 -0.87 -7.97 -1.16
C SER A 184 -0.39 -8.14 0.26
N GLN A 185 -0.89 -9.19 0.92
CA GLN A 185 -0.57 -9.51 2.33
C GLN A 185 0.88 -9.99 2.48
N ALA A 186 1.33 -10.85 1.58
CA ALA A 186 2.76 -11.26 1.56
C ALA A 186 3.59 -9.99 1.36
N LEU A 187 3.19 -9.11 0.47
CA LEU A 187 3.93 -7.84 0.33
C LEU A 187 4.01 -7.09 1.71
N SER A 188 2.86 -6.96 2.37
CA SER A 188 2.80 -6.28 3.66
C SER A 188 3.74 -6.90 4.70
N LEU A 189 3.76 -8.23 4.74
CA LEU A 189 4.65 -8.96 5.63
C LEU A 189 6.09 -8.56 5.46
N ILE A 190 6.59 -8.63 4.23
CA ILE A 190 7.99 -8.33 3.95
C ILE A 190 8.26 -6.84 4.26
N LEU A 191 7.35 -5.96 3.84
CA LEU A 191 7.46 -4.51 4.07
C LEU A 191 7.54 -4.21 5.59
N ASP A 192 6.69 -4.90 6.35
CA ASP A 192 6.69 -4.87 7.82
C ASP A 192 8.00 -5.35 8.48
N ILE A 193 8.52 -6.52 8.07
CA ILE A 193 9.84 -6.95 8.52
C ILE A 193 10.92 -5.94 8.04
N ASP A 194 10.79 -5.45 6.80
CA ASP A 194 11.74 -4.46 6.34
C ASP A 194 11.89 -3.30 7.38
N HIS A 195 10.81 -3.02 8.10
CA HIS A 195 10.72 -1.83 8.97
C HIS A 195 10.66 -2.15 10.46
N GLY A 196 11.26 -3.26 10.84
CA GLY A 196 11.45 -3.60 12.23
C GLY A 196 10.39 -4.46 12.89
N LYS A 197 9.34 -4.86 12.17
CA LYS A 197 8.29 -5.63 12.81
C LYS A 197 8.88 -6.96 13.29
N PRO A 198 8.73 -7.27 14.61
CA PRO A 198 9.34 -8.51 15.07
C PRO A 198 8.41 -9.62 14.59
N VAL A 199 8.99 -10.73 14.16
CA VAL A 199 8.15 -11.72 13.50
C VAL A 199 8.66 -13.06 13.91
N LYS A 200 7.75 -13.96 14.24
CA LYS A 200 8.18 -15.31 14.55
C LYS A 200 7.78 -16.24 13.40
N ASN A 201 8.75 -16.64 12.58
CA ASN A 201 8.56 -17.63 11.55
C ASN A 201 7.88 -18.85 12.14
N ALA A 202 6.71 -19.28 11.61
CA ALA A 202 6.06 -20.55 12.11
C ALA A 202 6.89 -21.80 11.80
N LEU A 203 7.78 -21.66 10.81
CA LEU A 203 8.79 -22.70 10.48
C LEU A 203 10.11 -22.40 11.19
N ASP A 204 10.68 -23.42 11.81
CA ASP A 204 11.91 -23.23 12.56
C ASP A 204 13.10 -23.43 11.64
N LEU A 205 13.62 -22.35 11.09
CA LEU A 205 14.66 -22.44 10.05
C LEU A 205 15.84 -21.62 10.48
N LYS A 206 17.02 -21.96 9.99
CA LYS A 206 18.22 -21.28 10.42
C LYS A 206 18.31 -19.79 10.00
N PHE A 207 17.57 -19.41 8.98
CA PHE A 207 17.72 -18.05 8.43
C PHE A 207 17.06 -17.06 9.42
N ASP A 208 17.80 -16.04 9.85
CA ASP A 208 17.20 -15.11 10.80
C ASP A 208 16.49 -14.01 10.03
N MET A 209 15.17 -14.00 10.14
CA MET A 209 14.34 -13.03 9.44
C MET A 209 14.67 -11.58 9.75
N GLU A 210 15.40 -11.32 10.84
CA GLU A 210 15.95 -9.99 11.11
C GLU A 210 16.87 -9.45 10.02
N GLN A 211 17.46 -10.34 9.23
CA GLN A 211 18.37 -9.93 8.11
C GLN A 211 17.61 -9.07 7.10
N LEU A 212 16.31 -9.32 7.01
CA LEU A 212 15.46 -8.60 6.06
C LEU A 212 15.15 -7.16 6.47
N LYS A 213 15.48 -6.80 7.73
CA LYS A 213 15.27 -5.43 8.22
C LYS A 213 16.08 -4.51 7.32
N ASP A 214 15.44 -3.47 6.81
CA ASP A 214 16.11 -2.48 5.98
C ASP A 214 16.83 -3.07 4.75
N SER A 215 16.21 -4.06 4.09
CA SER A 215 16.79 -4.73 2.91
C SER A 215 16.04 -4.50 1.63
N ILE A 216 14.87 -3.87 1.72
CA ILE A 216 13.95 -3.67 0.59
C ILE A 216 14.02 -2.27 0.02
N ASP A 217 14.16 -2.18 -1.30
CA ASP A 217 13.89 -0.94 -1.95
C ASP A 217 12.37 -0.85 -2.17
N ARG A 218 11.71 -0.08 -1.30
CA ARG A 218 10.26 -0.09 -1.16
C ARG A 218 9.52 0.52 -2.31
N GLU A 219 10.23 1.27 -3.16
CA GLU A 219 9.58 1.86 -4.33
C GLU A 219 9.62 0.92 -5.51
N LYS A 220 10.37 -0.18 -5.37
CA LYS A 220 10.68 -1.05 -6.49
C LYS A 220 10.05 -2.43 -6.35
N ILE A 221 8.73 -2.46 -6.57
CA ILE A 221 7.95 -3.61 -6.24
C ILE A 221 7.20 -4.06 -7.46
N ALA A 222 7.37 -5.34 -7.80
CA ALA A 222 6.67 -5.92 -8.93
C ALA A 222 5.94 -7.17 -8.53
N VAL A 223 4.87 -7.48 -9.24
CA VAL A 223 4.20 -8.76 -9.11
C VAL A 223 4.33 -9.53 -10.44
N ILE A 224 4.58 -10.84 -10.34
CA ILE A 224 4.86 -11.73 -11.48
C ILE A 224 4.12 -13.04 -11.16
N GLY A 225 3.78 -13.82 -12.16
CA GLY A 225 3.04 -15.03 -11.93
C GLY A 225 2.76 -15.77 -13.19
N HIS A 226 2.54 -17.07 -13.06
CA HIS A 226 2.35 -17.95 -14.23
C HIS A 226 0.93 -18.44 -14.23
N SER A 227 0.08 -18.23 -15.59
CA SER A 227 -1.12 -18.99 -15.95
C SER A 227 -2.26 -18.65 -15.02
N PHE A 228 -3.08 -19.27 -13.78
CA PHE A 228 -3.85 -18.68 -12.66
C PHE A 228 -3.09 -17.48 -12.05
N GLY A 229 -1.74 -17.58 -11.98
CA GLY A 229 -0.86 -16.57 -11.47
C GLY A 229 -0.72 -15.34 -12.34
N GLY A 230 -0.87 -15.51 -13.64
CA GLY A 230 -1.06 -14.42 -14.58
C GLY A 230 -2.32 -13.59 -14.35
N ALA A 231 -3.47 -14.23 -14.26
CA ALA A 231 -4.70 -13.56 -13.81
C ALA A 231 -4.47 -12.82 -12.49
N THR A 232 -3.72 -13.45 -11.56
CA THR A 232 -3.43 -12.90 -10.20
C THR A 232 -2.57 -11.61 -10.31
N VAL A 233 -1.56 -11.59 -11.17
CA VAL A 233 -0.89 -10.33 -11.50
C VAL A 233 -1.90 -9.20 -11.76
N ILE A 234 -2.90 -9.41 -12.61
CA ILE A 234 -3.77 -8.36 -13.08
C ILE A 234 -4.70 -7.87 -11.99
N GLN A 235 -5.30 -8.80 -11.28
CA GLN A 235 -6.12 -8.56 -10.12
C GLN A 235 -5.33 -7.80 -9.05
N THR A 236 -4.12 -8.28 -8.71
CA THR A 236 -3.31 -7.67 -7.67
C THR A 236 -2.98 -6.24 -8.06
N LEU A 237 -2.53 -6.02 -9.29
CA LEU A 237 -2.27 -4.65 -9.80
C LEU A 237 -3.46 -3.69 -9.63
N SER A 238 -4.66 -4.16 -9.95
CA SER A 238 -5.91 -3.36 -9.90
C SER A 238 -6.27 -2.90 -8.50
N GLU A 239 -5.84 -3.68 -7.51
CA GLU A 239 -6.15 -3.46 -6.09
C GLU A 239 -5.02 -2.77 -5.32
N ASP A 240 -3.79 -2.91 -5.79
CA ASP A 240 -2.63 -2.63 -4.94
C ASP A 240 -1.60 -1.86 -5.76
N GLN A 241 -1.59 -0.55 -5.51
CA GLN A 241 -0.67 0.40 -6.10
C GLN A 241 0.75 0.33 -5.57
N ARG A 242 1.02 -0.44 -4.51
CA ARG A 242 2.40 -0.61 -4.06
C ARG A 242 3.21 -1.39 -5.12
N PHE A 243 2.48 -2.22 -5.87
CA PHE A 243 3.02 -2.98 -7.01
C PHE A 243 3.10 -2.03 -8.17
N ARG A 244 4.30 -1.83 -8.69
CA ARG A 244 4.54 -0.74 -9.64
C ARG A 244 4.47 -1.20 -11.09
N CYS A 245 4.52 -2.51 -11.28
CA CYS A 245 4.32 -3.08 -12.61
C CYS A 245 4.06 -4.57 -12.46
N GLY A 246 3.59 -5.18 -13.56
CA GLY A 246 3.23 -6.58 -13.60
C GLY A 246 3.82 -7.31 -14.77
N ILE A 247 4.13 -8.59 -14.54
CA ILE A 247 4.53 -9.49 -15.59
C ILE A 247 3.74 -10.79 -15.52
N ALA A 248 2.83 -10.97 -16.48
CA ALA A 248 1.94 -12.13 -16.57
C ALA A 248 2.52 -13.16 -17.54
N LEU A 249 2.91 -14.29 -17.00
CA LEU A 249 3.57 -15.35 -17.72
C LEU A 249 2.50 -16.33 -18.17
N ASP A 250 2.24 -16.31 -19.49
CA ASP A 250 1.20 -17.10 -20.10
C ASP A 250 -0.11 -17.12 -19.26
N ALA A 251 -0.65 -15.92 -18.97
CA ALA A 251 -1.84 -15.78 -18.15
C ALA A 251 -3.03 -16.57 -18.66
N TRP A 252 -3.83 -17.03 -17.70
CA TRP A 252 -5.12 -17.68 -17.93
C TRP A 252 -6.13 -16.67 -17.44
N MET A 253 -6.82 -16.04 -18.37
CA MET A 253 -7.61 -14.86 -18.12
C MET A 253 -8.98 -15.10 -17.59
N PHE A 254 -9.51 -16.32 -17.78
CA PHE A 254 -10.89 -16.70 -17.42
C PHE A 254 -11.38 -16.27 -15.99
N PRO A 255 -10.53 -16.42 -14.92
CA PRO A 255 -10.98 -16.03 -13.55
C PRO A 255 -11.37 -14.54 -13.31
N LEU A 256 -10.89 -13.63 -14.16
CA LEU A 256 -11.03 -12.17 -13.89
C LEU A 256 -12.43 -11.65 -14.25
N GLY A 257 -13.01 -10.80 -13.42
CA GLY A 257 -14.20 -10.06 -13.80
C GLY A 257 -13.90 -8.93 -14.77
N ASP A 258 -14.90 -8.51 -15.53
CA ASP A 258 -14.84 -7.42 -16.51
C ASP A 258 -14.37 -6.10 -15.95
N GLU A 259 -14.66 -5.89 -14.65
CA GLU A 259 -14.28 -4.67 -13.94
C GLU A 259 -12.78 -4.37 -13.90
N VAL A 260 -11.93 -5.40 -14.00
CA VAL A 260 -10.51 -5.24 -13.71
C VAL A 260 -9.83 -4.39 -14.80
N TYR A 261 -10.28 -4.59 -16.02
CA TYR A 261 -9.58 -4.13 -17.22
C TYR A 261 -9.34 -2.65 -17.26
N SER A 262 -10.29 -1.86 -16.79
CA SER A 262 -10.20 -0.41 -16.80
C SER A 262 -9.47 0.13 -15.62
N ARG A 263 -9.13 -0.75 -14.69
CA ARG A 263 -8.56 -0.39 -13.39
C ARG A 263 -7.08 -0.63 -13.17
N ILE A 264 -6.32 -0.94 -14.22
CA ILE A 264 -4.87 -1.18 -14.08
C ILE A 264 -3.99 -0.04 -14.64
N PRO A 265 -3.61 0.91 -13.78
CA PRO A 265 -2.69 1.99 -14.24
C PRO A 265 -1.23 1.57 -14.49
N GLN A 266 -0.75 0.54 -13.77
CA GLN A 266 0.66 0.15 -13.84
C GLN A 266 1.05 -0.55 -15.15
N PRO A 267 2.32 -0.40 -15.59
CA PRO A 267 2.82 -1.20 -16.72
C PRO A 267 2.69 -2.77 -16.59
N LEU A 268 2.32 -3.43 -17.70
CA LEU A 268 1.90 -4.84 -17.71
C LEU A 268 2.55 -5.48 -18.90
N PHE A 269 3.26 -6.57 -18.64
CA PHE A 269 3.96 -7.37 -19.67
C PHE A 269 3.37 -8.80 -19.71
N PHE A 270 2.91 -9.16 -20.91
CA PHE A 270 2.38 -10.50 -21.24
C PHE A 270 3.47 -11.28 -21.96
N ILE A 271 3.96 -12.33 -21.30
CA ILE A 271 4.90 -13.26 -21.93
C ILE A 271 4.21 -14.59 -22.06
N ASN A 272 3.95 -14.93 -23.33
CA ASN A 272 3.07 -16.01 -23.69
C ASN A 272 3.84 -17.18 -24.27
N SER A 273 3.27 -18.38 -24.16
CA SER A 273 3.88 -19.50 -24.87
C SER A 273 3.15 -19.57 -26.20
N GLU A 274 3.86 -20.02 -27.24
CA GLU A 274 3.31 -20.15 -28.59
C GLU A 274 2.19 -21.18 -28.55
N TYR A 275 2.46 -22.29 -27.86
CA TYR A 275 1.56 -23.44 -27.96
C TYR A 275 0.31 -23.47 -27.07
N PHE A 276 0.13 -22.51 -26.18
CA PHE A 276 -0.99 -22.53 -25.18
C PHE A 276 -2.13 -21.56 -25.47
N GLN A 277 -1.86 -20.47 -26.17
CA GLN A 277 -2.85 -19.39 -26.18
C GLN A 277 -4.00 -19.66 -27.13
N TYR A 278 -5.16 -19.08 -26.82
CA TYR A 278 -6.33 -19.20 -27.65
C TYR A 278 -7.08 -17.89 -27.71
N PRO A 279 -7.85 -17.69 -28.78
CA PRO A 279 -8.47 -16.34 -29.04
C PRO A 279 -9.28 -15.79 -27.88
N ALA A 280 -10.01 -16.65 -27.17
CA ALA A 280 -10.93 -16.16 -26.16
C ALA A 280 -10.15 -15.65 -24.95
N ASN A 281 -8.93 -16.15 -24.80
CA ASN A 281 -8.00 -15.73 -23.80
C ASN A 281 -7.21 -14.46 -24.19
N ILE A 282 -6.69 -14.42 -25.42
CA ILE A 282 -6.00 -13.30 -26.02
C ILE A 282 -6.85 -12.04 -26.08
N ILE A 283 -8.14 -12.24 -26.31
CA ILE A 283 -9.07 -11.16 -26.37
C ILE A 283 -9.23 -10.39 -25.00
N LYS A 284 -9.16 -11.12 -23.89
CA LYS A 284 -9.09 -10.51 -22.56
C LYS A 284 -7.79 -9.72 -22.38
N MET A 285 -6.67 -10.30 -22.79
CA MET A 285 -5.40 -9.55 -22.80
C MET A 285 -5.46 -8.24 -23.61
N LYS A 286 -6.03 -8.28 -24.79
CA LYS A 286 -6.17 -7.07 -25.64
C LYS A 286 -7.04 -5.99 -25.01
N LYS A 287 -7.98 -6.38 -24.15
CA LYS A 287 -8.82 -5.44 -23.36
C LYS A 287 -8.04 -4.56 -22.33
N CYS A 288 -6.83 -4.96 -22.01
CA CYS A 288 -5.97 -4.17 -21.07
C CYS A 288 -5.26 -3.00 -21.76
N TYR A 289 -5.25 -3.01 -23.09
CA TYR A 289 -4.55 -2.04 -23.90
C TYR A 289 -5.37 -0.72 -24.00
N SER A 290 -4.67 0.42 -24.00
CA SER A 290 -5.25 1.77 -23.89
C SER A 290 -4.04 2.65 -24.18
N PRO A 291 -4.20 3.68 -25.04
CA PRO A 291 -3.10 4.60 -25.40
C PRO A 291 -2.41 5.20 -24.18
N ASP A 292 -3.20 5.40 -23.11
CA ASP A 292 -2.70 5.95 -21.85
C ASP A 292 -2.03 4.93 -20.94
N LYS A 293 -1.91 3.67 -21.37
CA LYS A 293 -1.24 2.67 -20.53
C LYS A 293 -0.14 1.96 -21.28
N GLU A 294 0.86 1.47 -20.52
CA GLU A 294 1.90 0.66 -21.11
C GLU A 294 1.60 -0.85 -21.02
N ARG A 295 1.37 -1.48 -22.17
CA ARG A 295 1.26 -2.93 -22.29
C ARG A 295 2.16 -3.48 -23.39
N LYS A 296 2.94 -4.49 -23.05
CA LYS A 296 3.75 -5.23 -24.01
C LYS A 296 3.35 -6.71 -24.00
N MET A 297 3.53 -7.36 -25.14
CA MET A 297 3.27 -8.75 -25.34
C MET A 297 4.32 -9.34 -26.29
N ILE A 298 4.91 -10.45 -25.86
CA ILE A 298 5.79 -11.26 -26.73
C ILE A 298 5.34 -12.73 -26.68
N THR A 299 5.69 -13.49 -27.71
CA THR A 299 5.36 -14.90 -27.67
C THR A 299 6.62 -15.70 -27.89
N ILE A 300 6.83 -16.74 -27.09
CA ILE A 300 8.04 -17.56 -27.24
C ILE A 300 7.75 -18.69 -28.23
N ARG A 301 8.58 -18.71 -29.27
CA ARG A 301 8.42 -19.65 -30.38
C ARG A 301 8.76 -21.05 -29.88
N GLY A 302 7.84 -21.99 -30.09
CA GLY A 302 8.06 -23.42 -29.84
C GLY A 302 7.79 -23.85 -28.41
N SER A 303 7.23 -22.92 -27.62
CA SER A 303 7.03 -23.09 -26.22
C SER A 303 5.62 -23.52 -25.95
N VAL A 304 5.50 -24.26 -24.85
CA VAL A 304 4.28 -24.82 -24.32
C VAL A 304 4.15 -24.12 -22.95
N HIS A 305 2.95 -24.15 -22.40
CA HIS A 305 2.59 -23.62 -21.16
C HIS A 305 3.57 -23.93 -19.99
N GLN A 306 4.15 -25.12 -20.03
CA GLN A 306 4.94 -25.71 -18.92
C GLN A 306 6.35 -25.22 -19.00
N ASN A 307 6.68 -24.53 -20.07
CA ASN A 307 8.00 -23.97 -20.24
C ASN A 307 8.34 -22.96 -19.11
N PHE A 308 7.31 -22.39 -18.48
CA PHE A 308 7.56 -21.36 -17.46
C PHE A 308 7.86 -21.93 -16.08
N ALA A 309 7.40 -23.15 -15.82
CA ALA A 309 7.57 -23.83 -14.53
C ALA A 309 8.67 -24.87 -14.61
N ASP A 310 9.14 -25.30 -13.44
CA ASP A 310 10.33 -26.15 -13.25
C ASP A 310 10.28 -27.60 -13.77
N PHE A 311 9.08 -28.15 -13.97
CA PHE A 311 8.90 -29.55 -14.48
C PHE A 311 9.44 -29.65 -15.92
N THR A 312 9.57 -28.51 -16.59
CA THR A 312 10.22 -28.43 -17.89
C THR A 312 11.72 -28.83 -17.84
N PHE A 313 12.28 -28.86 -16.64
CA PHE A 313 13.69 -29.20 -16.42
C PHE A 313 13.86 -30.58 -15.73
N ALA A 314 12.74 -31.24 -15.47
CA ALA A 314 12.69 -32.40 -14.60
C ALA A 314 12.91 -33.74 -15.32
N THR A 315 12.63 -33.80 -16.63
CA THR A 315 12.81 -35.02 -17.42
C THR A 315 13.75 -34.83 -18.59
N GLY A 316 13.82 -35.83 -19.46
CA GLY A 316 14.60 -35.74 -20.71
C GLY A 316 13.80 -35.18 -21.89
N LYS A 317 14.50 -34.72 -22.92
CA LYS A 317 13.86 -34.20 -24.14
C LYS A 317 12.62 -34.98 -24.56
N ILE A 318 12.77 -36.30 -24.78
CA ILE A 318 11.75 -37.15 -25.40
C ILE A 318 10.54 -37.27 -24.54
N ILE A 319 10.75 -37.61 -23.27
CA ILE A 319 9.69 -37.75 -22.27
C ILE A 319 8.98 -36.40 -22.04
N GLY A 320 9.77 -35.33 -22.01
CA GLY A 320 9.26 -34.00 -21.70
C GLY A 320 8.33 -33.59 -22.79
N HIS A 321 8.82 -33.75 -24.03
CA HIS A 321 8.07 -33.45 -25.24
C HIS A 321 6.74 -34.20 -25.32
N MET A 322 6.76 -35.48 -24.94
CA MET A 322 5.58 -36.34 -24.94
C MET A 322 4.63 -36.06 -23.81
N LEU A 323 5.13 -35.49 -22.73
CA LEU A 323 4.30 -35.17 -21.56
C LEU A 323 3.85 -33.69 -21.62
N LYS A 324 4.46 -32.97 -22.56
CA LYS A 324 4.22 -31.54 -22.77
C LYS A 324 4.75 -30.71 -21.62
N LEU A 325 5.95 -31.06 -21.15
CA LEU A 325 6.65 -30.31 -20.16
C LEU A 325 7.64 -29.41 -20.88
N LYS A 326 7.94 -29.83 -22.13
CA LYS A 326 8.87 -29.19 -23.02
C LYS A 326 8.19 -28.95 -24.40
N GLY A 327 8.60 -27.89 -25.08
CA GLY A 327 8.22 -27.72 -26.48
C GLY A 327 9.40 -27.99 -27.42
N ASP A 328 9.37 -27.38 -28.61
CA ASP A 328 10.38 -27.61 -29.63
C ASP A 328 11.60 -26.74 -29.35
N ILE A 329 11.40 -25.65 -28.63
CA ILE A 329 12.51 -24.84 -28.16
C ILE A 329 13.19 -25.55 -26.97
N ASP A 330 14.49 -25.32 -26.78
CA ASP A 330 15.23 -25.67 -25.58
C ASP A 330 14.68 -24.93 -24.33
N SER A 331 14.51 -25.66 -23.23
CA SER A 331 13.94 -25.13 -21.97
C SER A 331 14.80 -24.01 -21.38
N ASN A 332 16.11 -24.16 -21.57
CA ASN A 332 17.04 -23.15 -21.17
C ASN A 332 16.98 -21.96 -22.05
N VAL A 333 16.80 -22.17 -23.35
CA VAL A 333 16.65 -21.08 -24.27
C VAL A 333 15.38 -20.28 -23.95
N ALA A 334 14.25 -20.97 -23.77
CA ALA A 334 12.98 -20.35 -23.43
C ALA A 334 13.04 -19.55 -22.11
N ILE A 335 13.62 -20.15 -21.08
CA ILE A 335 13.59 -19.51 -19.75
C ILE A 335 14.54 -18.37 -19.70
N ASP A 336 15.60 -18.38 -20.52
CA ASP A 336 16.50 -17.21 -20.61
C ASP A 336 15.79 -16.07 -21.35
N LEU A 337 15.01 -16.40 -22.39
CA LEU A 337 14.28 -15.38 -23.13
C LEU A 337 13.22 -14.68 -22.22
N SER A 338 12.47 -15.47 -21.47
CA SER A 338 11.46 -14.99 -20.50
C SER A 338 12.15 -14.16 -19.43
N ASN A 339 13.18 -14.73 -18.80
CA ASN A 339 13.90 -14.04 -17.69
C ASN A 339 14.57 -12.74 -18.08
N LYS A 340 15.22 -12.73 -19.24
CA LYS A 340 15.88 -11.56 -19.78
C LYS A 340 14.93 -10.44 -20.20
N ALA A 341 13.89 -10.77 -20.95
CA ALA A 341 12.79 -9.87 -21.22
C ALA A 341 12.23 -9.26 -19.95
N SER A 342 12.02 -10.12 -18.94
CA SER A 342 11.48 -9.72 -17.64
C SER A 342 12.40 -8.71 -16.98
N LEU A 343 13.69 -9.02 -16.96
CA LEU A 343 14.71 -8.14 -16.33
C LEU A 343 14.71 -6.77 -16.98
N ALA A 344 14.74 -6.75 -18.32
CA ALA A 344 14.61 -5.50 -19.09
C ALA A 344 13.31 -4.75 -18.73
N PHE A 345 12.18 -5.46 -18.72
CA PHE A 345 10.91 -4.80 -18.33
C PHE A 345 10.94 -4.15 -16.89
N LEU A 346 11.43 -4.91 -15.91
CA LEU A 346 11.66 -4.49 -14.54
C LEU A 346 12.58 -3.28 -14.47
N GLN A 347 13.74 -3.36 -15.12
CA GLN A 347 14.63 -2.22 -15.08
C GLN A 347 13.93 -0.93 -15.55
N LYS A 348 13.14 -1.01 -16.62
CA LYS A 348 12.45 0.17 -17.22
C LYS A 348 11.37 0.76 -16.33
N HIS A 349 10.55 -0.11 -15.76
CA HIS A 349 9.41 0.35 -15.02
C HIS A 349 9.63 0.41 -13.51
N LEU A 350 10.73 -0.16 -13.02
CA LEU A 350 11.15 0.06 -11.63
C LEU A 350 12.25 1.12 -11.49
N GLY A 351 12.79 1.57 -12.62
CA GLY A 351 13.87 2.53 -12.61
C GLY A 351 15.14 1.96 -11.98
N LEU A 352 15.53 0.76 -12.39
CA LEU A 352 16.78 0.18 -11.89
C LEU A 352 18.00 0.72 -12.65
N HIS A 353 19.18 0.65 -12.05
CA HIS A 353 20.41 1.20 -12.65
C HIS A 353 21.38 0.08 -12.86
N LYS A 354 20.93 -0.89 -13.63
CA LYS A 354 21.70 -2.05 -13.94
C LYS A 354 21.82 -2.05 -15.48
N ASP A 355 22.25 -3.17 -16.02
CA ASP A 355 22.56 -3.32 -17.42
C ASP A 355 21.47 -4.15 -18.14
N PHE A 356 20.27 -4.23 -17.54
CA PHE A 356 19.18 -5.09 -18.07
C PHE A 356 18.61 -4.57 -19.35
N ASP A 357 18.86 -3.30 -19.63
CA ASP A 357 18.34 -2.65 -20.82
C ASP A 357 19.05 -3.15 -22.09
N GLN A 358 20.02 -4.04 -21.93
CA GLN A 358 20.64 -4.73 -23.06
C GLN A 358 19.74 -5.73 -23.73
N TRP A 359 18.61 -6.04 -23.08
CA TRP A 359 17.66 -7.04 -23.58
C TRP A 359 16.33 -6.34 -23.86
N ASP A 360 16.37 -5.02 -23.93
CA ASP A 360 15.23 -4.21 -24.31
C ASP A 360 14.55 -4.66 -25.59
N CYS A 361 15.33 -5.13 -26.56
CA CYS A 361 14.81 -5.61 -27.84
C CYS A 361 14.01 -6.86 -27.63
N LEU A 362 14.23 -7.56 -26.52
CA LEU A 362 13.42 -8.76 -26.22
C LEU A 362 11.99 -8.42 -25.78
N ILE A 363 11.77 -7.23 -25.19
CA ILE A 363 10.42 -6.72 -24.91
C ILE A 363 9.58 -6.49 -26.20
N GLU A 364 10.29 -6.28 -27.31
CA GLU A 364 9.67 -5.95 -28.59
C GLU A 364 9.53 -7.20 -29.46
N GLY A 365 10.01 -8.33 -28.96
CA GLY A 365 9.93 -9.62 -29.64
C GLY A 365 11.06 -9.83 -30.62
N ASP A 366 12.10 -9.00 -30.54
CA ASP A 366 13.16 -8.93 -31.55
C ASP A 366 14.20 -10.03 -31.33
N ASP A 367 13.81 -11.27 -31.62
CA ASP A 367 14.67 -12.46 -31.50
C ASP A 367 14.14 -13.54 -32.43
N GLU A 368 15.02 -14.46 -32.83
CA GLU A 368 14.63 -15.49 -33.76
C GLU A 368 13.62 -16.42 -33.11
N ASN A 369 13.65 -16.46 -31.76
CA ASN A 369 12.78 -17.32 -30.91
C ASN A 369 11.60 -16.60 -30.26
N LEU A 370 11.42 -15.32 -30.62
CA LEU A 370 10.21 -14.53 -30.26
C LEU A 370 9.33 -14.02 -31.43
N ILE A 371 8.04 -13.94 -31.16
CA ILE A 371 7.07 -13.23 -31.96
C ILE A 371 6.66 -11.95 -31.14
N PRO A 372 6.76 -10.74 -31.76
CA PRO A 372 6.13 -9.55 -31.23
C PRO A 372 4.66 -9.86 -31.12
N GLY A 373 4.05 -9.56 -29.99
CA GLY A 373 2.65 -9.83 -29.87
C GLY A 373 2.28 -11.29 -29.75
N THR A 374 1.28 -11.71 -30.51
CA THR A 374 0.70 -13.03 -30.39
C THR A 374 0.49 -13.59 -31.79
N ASN A 375 0.67 -14.90 -31.92
CA ASN A 375 0.36 -15.64 -33.13
C ASN A 375 -1.16 -15.70 -33.35
N ILE A 376 -1.94 -15.68 -32.27
CA ILE A 376 -3.43 -15.65 -32.34
C ILE A 376 -3.94 -14.28 -32.78
N ASN A 377 -4.00 -14.01 -34.11
CA ASN A 377 -4.22 -12.65 -34.70
C ASN A 377 -5.60 -11.89 -34.49
N THR A 378 -6.56 -12.57 -33.85
CA THR A 378 -7.84 -12.00 -33.36
C THR A 378 -7.79 -10.54 -32.90
N THR A 379 -8.49 -9.63 -33.62
CA THR A 379 -8.64 -8.21 -33.18
C THR A 379 -10.10 -7.78 -33.05
N THR B 8 -19.92 32.91 8.62
CA THR B 8 -18.80 32.83 9.62
C THR B 8 -17.35 33.14 9.10
N LYS B 9 -16.34 32.87 9.94
CA LYS B 9 -14.99 33.45 9.79
C LYS B 9 -13.91 32.53 9.16
N ILE B 10 -14.27 31.29 8.83
CA ILE B 10 -13.36 30.32 8.24
C ILE B 10 -13.46 30.54 6.73
N PRO B 11 -12.32 30.78 6.07
CA PRO B 11 -12.35 31.21 4.67
C PRO B 11 -12.84 30.14 3.69
N ARG B 12 -13.68 30.56 2.76
CA ARG B 12 -14.05 29.75 1.60
C ARG B 12 -12.78 29.26 0.87
N GLY B 13 -12.92 28.13 0.18
CA GLY B 13 -11.84 27.57 -0.62
C GLY B 13 -11.40 28.60 -1.65
N ASN B 14 -10.15 28.54 -2.08
CA ASN B 14 -9.68 29.54 -3.04
C ASN B 14 -9.73 29.03 -4.48
N GLY B 15 -9.92 27.72 -4.63
CA GLY B 15 -10.06 27.12 -5.92
C GLY B 15 -11.42 27.25 -6.55
N PRO B 16 -11.53 26.79 -7.80
CA PRO B 16 -12.69 26.85 -8.67
C PRO B 16 -13.78 25.84 -8.37
N TYR B 17 -13.50 24.84 -7.54
CA TYR B 17 -14.53 23.88 -7.20
C TYR B 17 -15.39 24.31 -6.00
N SER B 18 -16.66 23.99 -6.11
CA SER B 18 -17.55 23.96 -4.99
C SER B 18 -17.15 22.83 -4.04
N VAL B 19 -17.22 23.10 -2.75
CA VAL B 19 -16.89 22.11 -1.72
C VAL B 19 -18.14 21.57 -0.99
N GLY B 20 -18.30 20.24 -1.01
CA GLY B 20 -19.28 19.55 -0.18
C GLY B 20 -18.60 18.97 1.05
N CYS B 21 -19.40 18.58 2.06
CA CYS B 21 -18.90 17.97 3.30
C CYS B 21 -19.87 16.94 3.84
N THR B 22 -19.35 15.80 4.25
CA THR B 22 -20.15 14.80 4.92
C THR B 22 -19.27 14.14 5.98
N ASP B 23 -19.87 13.22 6.75
CA ASP B 23 -19.23 12.48 7.82
C ASP B 23 -19.53 11.05 7.53
N LEU B 24 -18.55 10.17 7.75
CA LEU B 24 -18.70 8.74 7.58
C LEU B 24 -18.11 7.96 8.79
N MET B 25 -18.95 7.12 9.42
CA MET B 25 -18.51 6.16 10.45
C MET B 25 -18.81 4.73 10.01
N PHE B 26 -17.73 3.97 9.79
CA PHE B 26 -17.85 2.60 9.38
C PHE B 26 -16.65 1.80 9.84
N ASP B 27 -16.87 0.78 10.67
CA ASP B 27 -18.14 0.46 11.25
C ASP B 27 -18.45 1.33 12.47
N HIS B 28 -19.54 1.00 13.15
CA HIS B 28 -20.04 1.77 14.30
C HIS B 28 -19.16 1.66 15.56
N THR B 29 -18.12 0.82 15.53
CA THR B 29 -17.31 0.62 16.74
C THR B 29 -16.15 1.60 16.85
N ASN B 30 -15.54 1.67 18.03
CA ASN B 30 -14.36 2.51 18.22
C ASN B 30 -13.14 1.90 17.55
N LYS B 31 -13.34 0.80 16.81
CA LYS B 31 -12.28 0.17 16.00
C LYS B 31 -12.46 0.42 14.49
N GLY B 32 -13.66 0.93 14.17
CA GLY B 32 -13.95 1.47 12.87
C GLY B 32 -13.25 2.80 12.56
N THR B 33 -13.49 3.24 11.33
CA THR B 33 -13.06 4.51 10.83
C THR B 33 -14.15 5.56 11.02
N PHE B 34 -13.74 6.72 11.48
CA PHE B 34 -14.60 7.90 11.61
C PHE B 34 -13.82 8.99 10.89
N LEU B 35 -14.45 9.61 9.90
CA LEU B 35 -13.79 10.69 9.22
C LEU B 35 -14.82 11.69 8.75
N ARG B 36 -14.37 12.94 8.60
CA ARG B 36 -15.10 13.91 7.88
C ARG B 36 -14.46 14.10 6.49
N LEU B 37 -15.33 14.08 5.49
CA LEU B 37 -14.98 14.21 4.10
C LEU B 37 -15.28 15.60 3.54
N TYR B 38 -14.25 16.23 2.95
CA TYR B 38 -14.39 17.41 2.06
C TYR B 38 -14.09 16.98 0.64
N TYR B 39 -14.95 17.42 -0.29
CA TYR B 39 -14.91 16.90 -1.65
C TYR B 39 -15.40 17.95 -2.69
N PRO B 40 -14.90 17.87 -3.94
CA PRO B 40 -15.53 18.73 -4.96
C PRO B 40 -17.01 18.38 -5.12
N SER B 41 -17.89 19.33 -4.89
CA SER B 41 -19.34 19.12 -4.98
C SER B 41 -20.02 19.68 -6.23
N GLN B 42 -21.25 19.25 -6.45
CA GLN B 42 -22.05 19.70 -7.55
C GLN B 42 -22.84 20.93 -7.06
N ASP B 43 -23.69 20.70 -6.05
CA ASP B 43 -24.57 21.72 -5.46
C ASP B 43 -23.84 22.90 -4.80
N ASN B 44 -24.52 24.05 -4.80
CA ASN B 44 -24.20 25.25 -3.99
C ASN B 44 -25.40 26.20 -3.88
N ASP B 45 -26.25 25.96 -2.88
CA ASP B 45 -27.29 26.92 -2.44
C ASP B 45 -27.09 27.23 -0.94
N ARG B 46 -26.01 26.68 -0.39
CA ARG B 46 -25.84 26.50 1.05
C ARG B 46 -24.36 26.28 1.35
N LEU B 47 -23.90 26.85 2.46
CA LEU B 47 -22.54 26.58 2.99
C LEU B 47 -22.74 26.27 4.48
N ASP B 48 -23.50 25.20 4.71
CA ASP B 48 -24.31 25.04 5.91
C ASP B 48 -23.80 23.91 6.81
N THR B 49 -22.48 23.79 6.92
CA THR B 49 -21.85 22.68 7.64
C THR B 49 -21.59 23.18 9.04
N LEU B 50 -22.08 22.47 10.05
CA LEU B 50 -21.84 22.86 11.42
C LEU B 50 -20.40 22.57 11.80
N TRP B 51 -19.68 23.58 12.26
CA TRP B 51 -18.27 23.41 12.54
C TRP B 51 -17.94 22.39 13.69
N ILE B 52 -18.60 22.52 14.85
CA ILE B 52 -18.38 21.60 15.97
C ILE B 52 -19.73 21.06 16.34
N PRO B 53 -20.10 19.87 15.82
CA PRO B 53 -21.49 19.40 15.83
C PRO B 53 -22.10 18.83 17.14
N ASN B 54 -21.38 18.78 18.24
CA ASN B 54 -21.95 18.14 19.44
C ASN B 54 -21.42 18.82 20.66
N LYS B 55 -22.24 18.85 21.73
CA LYS B 55 -21.86 19.53 22.98
C LYS B 55 -20.62 18.94 23.62
N GLU B 56 -20.41 17.65 23.42
CA GLU B 56 -19.38 16.89 24.11
C GLU B 56 -17.97 17.23 23.68
N TYR B 57 -17.83 17.74 22.45
CA TYR B 57 -16.56 18.26 21.95
C TYR B 57 -16.18 19.46 22.77
N PHE B 58 -17.12 20.33 23.07
CA PHE B 58 -16.84 21.43 24.01
C PHE B 58 -16.45 21.02 25.44
N TRP B 59 -17.08 19.96 25.95
CA TRP B 59 -16.74 19.39 27.25
C TRP B 59 -15.28 18.88 27.19
N GLY B 60 -14.98 18.09 26.15
CA GLY B 60 -13.63 17.53 25.88
C GLY B 60 -12.58 18.59 25.75
N LEU B 61 -12.90 19.66 25.02
CA LEU B 61 -11.99 20.77 24.81
C LEU B 61 -11.63 21.47 26.11
N SER B 62 -12.64 21.78 26.92
CA SER B 62 -12.36 22.35 28.24
C SER B 62 -11.54 21.44 29.15
N LYS B 63 -11.75 20.11 29.08
CA LYS B 63 -10.86 19.15 29.78
C LYS B 63 -9.41 19.18 29.30
N PHE B 64 -9.19 19.45 28.01
CA PHE B 64 -7.87 19.56 27.43
C PHE B 64 -7.17 20.91 27.81
N LEU B 65 -8.00 21.93 27.94
CA LEU B 65 -7.55 23.21 28.46
C LEU B 65 -7.28 23.16 29.97
N GLY B 66 -7.92 22.26 30.70
CA GLY B 66 -7.57 22.11 32.12
C GLY B 66 -8.50 22.96 32.98
N THR B 67 -9.62 23.32 32.36
CA THR B 67 -10.70 24.00 33.01
C THR B 67 -11.87 23.04 33.17
N HIS B 68 -13.00 23.63 33.50
CA HIS B 68 -14.09 22.99 34.24
C HIS B 68 -15.28 22.75 33.32
N TRP B 69 -16.44 22.53 33.93
CA TRP B 69 -17.70 22.33 33.21
C TRP B 69 -18.40 23.67 32.92
N LEU B 70 -17.84 24.76 33.43
CA LEU B 70 -18.35 26.08 33.09
C LEU B 70 -17.68 26.56 31.80
N MET B 71 -16.36 26.33 31.71
CA MET B 71 -15.64 26.64 30.46
C MET B 71 -16.26 25.94 29.26
N GLY B 72 -16.61 24.67 29.44
CA GLY B 72 -17.23 23.88 28.41
C GLY B 72 -18.46 24.56 27.90
N ASN B 73 -19.28 25.05 28.82
CA ASN B 73 -20.56 25.64 28.47
C ASN B 73 -20.46 27.01 27.80
N ILE B 74 -19.53 27.83 28.32
CA ILE B 74 -19.08 29.10 27.71
C ILE B 74 -18.65 28.89 26.27
N LEU B 75 -17.76 27.91 26.05
CA LEU B 75 -17.23 27.58 24.73
C LEU B 75 -18.35 27.18 23.78
N ARG B 76 -19.28 26.38 24.31
CA ARG B 76 -20.40 25.91 23.53
C ARG B 76 -21.30 27.10 23.11
N LEU B 77 -21.47 28.08 24.01
CA LEU B 77 -22.29 29.28 23.75
C LEU B 77 -21.67 30.22 22.70
N LEU B 78 -20.37 30.41 22.87
CA LEU B 78 -19.55 31.11 21.90
C LEU B 78 -19.48 30.45 20.51
N PHE B 79 -19.30 29.12 20.43
CA PHE B 79 -18.94 28.47 19.12
C PHE B 79 -19.86 27.42 18.53
N GLY B 80 -20.89 27.02 19.27
CA GLY B 80 -21.65 25.81 18.95
C GLY B 80 -22.66 25.92 17.84
N SER B 81 -22.82 27.12 17.28
CA SER B 81 -23.67 27.29 16.15
C SER B 81 -22.87 27.85 14.95
N MET B 82 -21.56 27.98 15.13
CA MET B 82 -20.66 28.33 14.05
C MET B 82 -20.67 27.29 12.90
N THR B 83 -20.80 27.79 11.67
CA THR B 83 -20.68 26.98 10.48
C THR B 83 -19.28 27.08 9.83
N THR B 84 -19.05 26.21 8.86
CA THR B 84 -17.83 26.28 8.04
C THR B 84 -18.26 26.18 6.55
N PRO B 85 -17.55 26.91 5.65
CA PRO B 85 -18.00 27.09 4.28
C PRO B 85 -17.97 25.88 3.37
N ALA B 86 -18.81 24.88 3.68
CA ALA B 86 -18.93 23.68 2.85
C ALA B 86 -20.39 23.30 2.71
N ASN B 87 -20.75 22.80 1.54
CA ASN B 87 -22.10 22.32 1.27
C ASN B 87 -22.40 21.01 1.95
N TRP B 88 -23.09 21.02 3.09
CA TRP B 88 -23.41 19.78 3.83
C TRP B 88 -24.18 18.76 3.00
N ASN B 89 -23.54 17.59 2.81
CA ASN B 89 -24.14 16.44 2.08
C ASN B 89 -24.46 16.71 0.61
N SER B 90 -23.88 17.76 0.06
CA SER B 90 -24.05 18.10 -1.34
C SER B 90 -23.49 16.99 -2.23
N PRO B 91 -24.17 16.63 -3.33
CA PRO B 91 -23.60 15.52 -4.13
C PRO B 91 -22.14 15.74 -4.62
N LEU B 92 -21.42 14.65 -4.83
CA LEU B 92 -20.07 14.74 -5.36
C LEU B 92 -20.10 15.20 -6.82
N ARG B 93 -19.14 16.01 -7.23
CA ARG B 93 -18.99 16.39 -8.63
C ARG B 93 -18.53 15.19 -9.47
N PRO B 94 -19.42 14.67 -10.37
CA PRO B 94 -19.07 13.49 -11.21
C PRO B 94 -18.22 13.78 -12.48
N GLY B 95 -17.76 12.72 -13.12
CA GLY B 95 -16.99 12.82 -14.36
C GLY B 95 -15.47 12.87 -14.22
N GLU B 96 -14.98 12.78 -12.98
CA GLU B 96 -13.54 12.84 -12.72
C GLU B 96 -13.16 11.92 -11.55
N LYS B 97 -11.89 11.51 -11.56
CA LYS B 97 -11.24 10.83 -10.45
C LYS B 97 -10.41 11.89 -9.68
N TYR B 98 -10.40 11.81 -8.35
CA TYR B 98 -9.77 12.87 -7.54
C TYR B 98 -8.60 12.35 -6.77
N PRO B 99 -7.54 13.15 -6.68
CA PRO B 99 -6.46 12.88 -5.72
C PRO B 99 -6.98 12.78 -4.27
N LEU B 100 -6.32 11.94 -3.46
CA LEU B 100 -6.78 11.72 -2.09
C LEU B 100 -5.79 12.18 -1.01
N VAL B 101 -6.29 12.99 -0.05
CA VAL B 101 -5.52 13.36 1.16
C VAL B 101 -6.18 12.76 2.37
N VAL B 102 -5.42 12.05 3.18
CA VAL B 102 -5.90 11.68 4.50
C VAL B 102 -5.32 12.70 5.50
N PHE B 103 -6.19 13.32 6.32
CA PHE B 103 -5.76 14.33 7.26
C PHE B 103 -5.80 13.90 8.74
N SER B 104 -4.69 14.10 9.45
CA SER B 104 -4.57 13.76 10.86
C SER B 104 -4.54 14.98 11.79
N HIS B 105 -5.47 15.02 12.75
CA HIS B 105 -5.62 16.16 13.64
C HIS B 105 -4.60 16.07 14.83
N GLY B 106 -4.35 17.22 15.49
CA GLY B 106 -3.50 17.27 16.66
C GLY B 106 -4.12 16.78 17.94
N LEU B 107 -3.32 16.81 18.98
CA LEU B 107 -3.72 16.47 20.32
C LEU B 107 -4.78 17.49 20.80
N GLY B 108 -5.81 17.05 21.53
CA GLY B 108 -6.92 17.92 21.88
C GLY B 108 -7.79 18.40 20.72
N ALA B 109 -7.50 18.01 19.48
CA ALA B 109 -8.40 18.42 18.38
C ALA B 109 -9.36 17.26 18.07
N PHE B 110 -9.99 17.30 16.90
CA PHE B 110 -10.88 16.25 16.37
C PHE B 110 -11.08 16.51 14.87
N ARG B 111 -11.92 15.71 14.22
CA ARG B 111 -11.95 15.71 12.77
C ARG B 111 -12.32 17.04 12.10
N THR B 112 -13.01 17.93 12.80
CA THR B 112 -13.68 19.03 12.14
C THR B 112 -12.92 20.37 12.22
N LEU B 113 -11.74 20.37 12.83
CA LEU B 113 -11.07 21.62 13.25
C LEU B 113 -10.04 22.09 12.24
N TYR B 114 -10.00 21.43 11.08
CA TYR B 114 -9.05 21.75 10.03
C TYR B 114 -9.77 21.95 8.67
N SER B 115 -10.95 22.55 8.73
CA SER B 115 -11.79 22.66 7.56
C SER B 115 -11.18 23.71 6.64
N ALA B 116 -10.51 24.70 7.22
CA ALA B 116 -9.97 25.77 6.40
C ALA B 116 -9.01 25.15 5.39
N ILE B 117 -8.22 24.19 5.87
CA ILE B 117 -7.24 23.47 5.05
C ILE B 117 -7.95 22.46 4.20
N GLY B 118 -8.88 21.71 4.79
CA GLY B 118 -9.60 20.70 4.01
C GLY B 118 -10.49 21.24 2.90
N ILE B 119 -11.16 22.34 3.20
CA ILE B 119 -12.04 23.04 2.22
C ILE B 119 -11.22 23.66 1.05
N ASP B 120 -10.08 24.24 1.38
CA ASP B 120 -9.19 24.76 0.38
C ASP B 120 -8.65 23.66 -0.55
N LEU B 121 -8.23 22.53 -0.04
CA LEU B 121 -7.76 21.40 -0.85
C LEU B 121 -8.86 20.83 -1.74
N ALA B 122 -10.07 20.72 -1.17
CA ALA B 122 -11.21 20.21 -1.91
C ALA B 122 -11.57 21.17 -3.04
N SER B 123 -11.51 22.47 -2.76
CA SER B 123 -11.87 23.48 -3.77
C SER B 123 -10.85 23.52 -4.95
N HIS B 124 -9.71 22.85 -4.79
CA HIS B 124 -8.76 22.58 -5.86
C HIS B 124 -8.83 21.15 -6.43
N GLY B 125 -9.85 20.37 -6.01
CA GLY B 125 -10.10 19.06 -6.61
C GLY B 125 -9.46 17.86 -5.92
N PHE B 126 -9.24 17.98 -4.62
CA PHE B 126 -8.85 16.87 -3.77
C PHE B 126 -10.08 16.31 -3.09
N ILE B 127 -10.07 15.01 -2.83
CA ILE B 127 -10.94 14.53 -1.77
C ILE B 127 -10.06 14.56 -0.51
N VAL B 128 -10.60 15.15 0.57
CA VAL B 128 -9.91 15.18 1.87
C VAL B 128 -10.65 14.27 2.86
N ALA B 129 -10.02 13.21 3.33
CA ALA B 129 -10.56 12.43 4.45
C ALA B 129 -9.91 12.83 5.83
N ALA B 130 -10.58 13.73 6.58
CA ALA B 130 -10.08 14.13 7.90
C ALA B 130 -10.52 13.12 8.95
N VAL B 131 -9.56 12.39 9.46
CA VAL B 131 -9.80 11.25 10.34
C VAL B 131 -10.03 11.79 11.75
N GLU B 132 -10.96 11.18 12.46
CA GLU B 132 -11.05 11.37 13.91
C GLU B 132 -10.40 10.21 14.66
N HIS B 133 -9.37 10.51 15.41
CA HIS B 133 -8.74 9.42 16.12
C HIS B 133 -9.46 8.95 17.36
N ARG B 134 -9.29 7.67 17.65
CA ARG B 134 -9.89 6.99 18.80
C ARG B 134 -8.78 6.54 19.76
N ASP B 135 -7.56 7.06 19.53
CA ASP B 135 -6.39 6.80 20.38
C ASP B 135 -6.42 7.49 21.73
N ARG B 136 -7.54 8.17 22.06
CA ARG B 136 -7.70 8.96 23.31
C ARG B 136 -6.84 10.26 23.36
N SER B 137 -6.38 10.74 22.17
CA SER B 137 -5.75 12.06 21.98
C SER B 137 -6.68 13.17 21.45
N ALA B 138 -7.81 12.77 20.87
CA ALA B 138 -8.88 13.70 20.55
C ALA B 138 -9.44 14.21 21.91
N SER B 139 -9.75 15.51 22.01
CA SER B 139 -10.48 16.06 23.17
C SER B 139 -11.73 15.21 23.45
N ALA B 140 -12.42 14.79 22.37
CA ALA B 140 -13.55 13.87 22.44
C ALA B 140 -13.71 13.16 21.10
N THR B 141 -14.25 11.96 21.14
CA THR B 141 -14.77 11.34 19.95
C THR B 141 -15.91 10.41 20.40
N TYR B 142 -16.59 9.75 19.47
CA TYR B 142 -17.60 8.80 19.89
C TYR B 142 -17.67 7.63 18.97
N TYR B 143 -18.38 6.61 19.45
CA TYR B 143 -18.73 5.43 18.69
C TYR B 143 -20.09 4.93 19.22
N PHE B 144 -20.51 3.77 18.72
CA PHE B 144 -21.71 3.13 19.18
C PHE B 144 -21.40 1.74 19.73
N LYS B 145 -22.06 1.41 20.84
CA LYS B 145 -21.82 0.13 21.54
C LYS B 145 -22.22 -1.08 20.75
N ASP B 146 -23.24 -0.92 19.90
CA ASP B 146 -23.83 -1.95 19.04
C ASP B 146 -24.72 -1.24 18.02
N GLN B 147 -25.39 -2.02 17.18
CA GLN B 147 -26.20 -1.48 16.08
C GLN B 147 -27.45 -0.68 16.55
N SER B 148 -28.10 -1.19 17.61
CA SER B 148 -29.31 -0.60 18.20
C SER B 148 -29.03 0.75 18.82
N ALA B 149 -27.87 0.82 19.48
CA ALA B 149 -27.23 2.10 19.86
C ALA B 149 -27.12 3.05 18.67
N ALA B 150 -26.57 2.57 17.55
CA ALA B 150 -26.38 3.40 16.34
C ALA B 150 -27.70 3.88 15.76
N GLU B 151 -28.70 2.99 15.75
CA GLU B 151 -30.02 3.34 15.18
C GLU B 151 -30.79 4.36 15.99
N ILE B 152 -30.45 4.48 17.27
CA ILE B 152 -31.16 5.37 18.20
C ILE B 152 -30.30 6.62 18.45
N GLY B 153 -29.11 6.64 17.84
CA GLY B 153 -28.12 7.71 17.95
C GLY B 153 -27.61 7.79 19.37
N ASP B 154 -27.54 6.64 20.01
CA ASP B 154 -27.09 6.63 21.38
C ASP B 154 -25.56 6.45 21.47
N LYS B 155 -24.88 7.59 21.49
CA LYS B 155 -23.43 7.67 21.39
C LYS B 155 -22.72 7.36 22.69
N SER B 156 -21.59 6.66 22.59
CA SER B 156 -20.65 6.54 23.71
C SER B 156 -19.44 7.36 23.35
N TRP B 157 -19.15 8.33 24.22
CA TRP B 157 -18.08 9.27 24.11
C TRP B 157 -16.81 8.80 24.82
N LEU B 158 -15.66 9.23 24.29
CA LEU B 158 -14.33 8.86 24.80
C LEU B 158 -13.56 10.16 24.77
N TYR B 159 -13.09 10.58 25.94
CA TYR B 159 -12.45 11.86 26.13
C TYR B 159 -10.96 11.70 26.16
N LEU B 160 -10.29 12.80 25.91
CA LEU B 160 -8.87 12.87 26.02
C LEU B 160 -8.44 12.16 27.35
N ARG B 161 -7.42 11.30 27.24
CA ARG B 161 -6.66 10.79 28.41
C ARG B 161 -5.55 11.74 28.78
N THR B 162 -5.52 12.17 30.03
CA THR B 162 -4.41 13.01 30.48
C THR B 162 -3.38 12.04 31.02
N LEU B 163 -2.10 12.30 30.75
CA LEU B 163 -1.06 11.35 31.11
C LEU B 163 -0.25 11.84 32.30
N LYS B 164 0.14 10.90 33.17
CA LYS B 164 1.19 11.16 34.18
C LYS B 164 2.48 11.15 33.41
N GLN B 165 3.47 11.91 33.87
CA GLN B 165 4.62 12.20 33.00
C GLN B 165 5.54 11.00 32.74
N GLU B 166 5.62 10.05 33.68
CA GLU B 166 6.52 8.89 33.53
C GLU B 166 6.04 7.81 32.49
N GLU B 167 4.87 8.04 31.92
CA GLU B 167 4.24 7.11 31.01
C GLU B 167 4.07 7.83 29.69
N GLU B 168 4.47 9.11 29.63
CA GLU B 168 4.32 9.94 28.43
C GLU B 168 5.01 9.29 27.22
N THR B 169 6.28 8.90 27.38
CA THR B 169 7.12 8.31 26.31
C THR B 169 6.49 7.05 25.70
N HIS B 170 5.91 6.22 26.55
CA HIS B 170 5.34 4.95 26.12
C HIS B 170 3.97 5.14 25.46
N ILE B 171 3.06 5.78 26.20
CA ILE B 171 1.72 6.09 25.71
C ILE B 171 1.74 6.85 24.38
N ARG B 172 2.47 7.95 24.28
CA ARG B 172 2.52 8.70 23.02
C ARG B 172 2.96 7.86 21.82
N ASN B 173 3.87 6.92 22.05
CA ASN B 173 4.34 6.10 20.93
C ASN B 173 3.30 5.09 20.51
N GLU B 174 2.65 4.49 21.49
CA GLU B 174 1.54 3.58 21.26
C GLU B 174 0.38 4.29 20.50
N GLN B 175 0.04 5.51 20.91
CA GLN B 175 -0.96 6.37 20.24
C GLN B 175 -0.60 6.76 18.84
N VAL B 176 0.65 7.16 18.54
CA VAL B 176 1.10 7.37 17.15
C VAL B 176 1.05 6.14 16.23
N ARG B 177 1.33 4.96 16.77
CA ARG B 177 1.05 3.70 16.06
C ARG B 177 -0.47 3.46 15.81
N GLN B 178 -1.30 3.64 16.83
CA GLN B 178 -2.73 3.55 16.62
C GLN B 178 -3.22 4.58 15.56
N ARG B 179 -2.73 5.83 15.66
CA ARG B 179 -3.01 6.85 14.63
C ARG B 179 -2.62 6.45 13.20
N ALA B 180 -1.41 5.93 13.02
CA ALA B 180 -0.95 5.46 11.70
C ALA B 180 -1.87 4.34 11.21
N LYS B 181 -2.17 3.40 12.10
CA LYS B 181 -3.09 2.35 11.79
C LYS B 181 -4.44 2.95 11.32
N GLU B 182 -4.91 3.96 12.03
CA GLU B 182 -6.14 4.63 11.68
C GLU B 182 -6.11 5.36 10.32
N CYS B 183 -5.01 6.02 9.98
CA CYS B 183 -4.91 6.63 8.63
C CYS B 183 -4.89 5.57 7.51
N SER B 184 -4.15 4.49 7.72
CA SER B 184 -4.17 3.31 6.84
C SER B 184 -5.53 2.64 6.60
N GLN B 185 -6.23 2.35 7.67
CA GLN B 185 -7.59 1.89 7.61
C GLN B 185 -8.56 2.88 6.95
N ALA B 186 -8.41 4.16 7.23
CA ALA B 186 -9.23 5.14 6.53
C ALA B 186 -8.98 5.09 5.02
N LEU B 187 -7.70 4.97 4.61
CA LEU B 187 -7.33 4.80 3.20
C LEU B 187 -7.86 3.49 2.61
N SER B 188 -7.66 2.35 3.30
CA SER B 188 -8.25 1.08 2.88
C SER B 188 -9.78 1.19 2.67
N LEU B 189 -10.50 1.78 3.64
CA LEU B 189 -11.93 2.01 3.49
C LEU B 189 -12.32 2.80 2.22
N ILE B 190 -11.72 3.96 2.01
CA ILE B 190 -12.01 4.75 0.79
C ILE B 190 -11.69 4.05 -0.55
N LEU B 191 -10.57 3.31 -0.60
CA LEU B 191 -10.21 2.54 -1.77
C LEU B 191 -11.18 1.36 -2.03
N ASP B 192 -11.65 0.72 -0.95
CA ASP B 192 -12.62 -0.39 -1.06
C ASP B 192 -13.94 0.11 -1.67
N ILE B 193 -14.34 1.31 -1.28
CA ILE B 193 -15.58 1.97 -1.68
C ILE B 193 -15.49 2.47 -3.12
N ASP B 194 -14.29 2.94 -3.48
CA ASP B 194 -13.95 3.35 -4.85
C ASP B 194 -14.13 2.16 -5.80
N HIS B 195 -13.86 0.95 -5.31
CA HIS B 195 -14.03 -0.26 -6.13
C HIS B 195 -15.37 -0.94 -5.81
N GLY B 196 -16.34 -0.19 -5.26
CA GLY B 196 -17.69 -0.71 -4.99
C GLY B 196 -18.00 -1.47 -3.70
N LYS B 197 -17.14 -1.44 -2.68
CA LYS B 197 -17.52 -2.07 -1.41
C LYS B 197 -18.81 -1.43 -0.83
N PRO B 198 -19.82 -2.27 -0.46
CA PRO B 198 -20.99 -1.61 0.12
C PRO B 198 -20.76 -1.26 1.59
N VAL B 199 -21.13 -0.04 1.92
CA VAL B 199 -20.89 0.50 3.25
C VAL B 199 -22.19 0.97 3.88
N LYS B 200 -22.40 0.55 5.11
CA LYS B 200 -23.45 1.15 5.91
C LYS B 200 -22.84 2.15 6.92
N ASN B 201 -23.01 3.42 6.60
CA ASN B 201 -22.70 4.50 7.49
C ASN B 201 -23.50 4.40 8.80
N ALA B 202 -22.81 4.39 9.95
CA ALA B 202 -23.48 4.31 11.25
C ALA B 202 -24.19 5.61 11.52
N LEU B 203 -23.70 6.66 10.89
CA LEU B 203 -24.39 7.91 10.88
C LEU B 203 -25.40 7.79 9.72
N ASP B 204 -26.61 8.26 9.90
CA ASP B 204 -27.55 8.00 8.85
C ASP B 204 -27.74 9.35 8.19
N LEU B 205 -27.05 9.54 7.07
CA LEU B 205 -26.98 10.86 6.44
C LEU B 205 -27.36 10.83 4.94
N LYS B 206 -27.77 11.99 4.44
CA LYS B 206 -28.27 12.09 3.07
C LYS B 206 -27.15 12.24 2.10
N PHE B 207 -26.17 11.35 2.17
CA PHE B 207 -25.07 11.32 1.21
C PHE B 207 -24.78 9.88 0.88
N ASP B 208 -24.96 9.51 -0.36
CA ASP B 208 -24.86 8.11 -0.67
C ASP B 208 -23.39 7.85 -1.00
N MET B 209 -22.76 7.00 -0.17
CA MET B 209 -21.32 6.76 -0.24
C MET B 209 -20.92 6.12 -1.57
N GLU B 210 -21.89 5.52 -2.25
CA GLU B 210 -21.69 4.84 -3.53
C GLU B 210 -21.43 5.85 -4.64
N GLN B 211 -21.73 7.10 -4.38
CA GLN B 211 -21.21 8.20 -5.17
C GLN B 211 -19.69 8.12 -5.38
N LEU B 212 -18.97 7.59 -4.41
CA LEU B 212 -17.52 7.61 -4.47
C LEU B 212 -16.92 6.44 -5.28
N LYS B 213 -17.76 5.53 -5.74
CA LYS B 213 -17.36 4.45 -6.66
C LYS B 213 -16.65 5.03 -7.89
N ASP B 214 -15.45 4.54 -8.16
CA ASP B 214 -14.62 5.02 -9.29
C ASP B 214 -14.39 6.54 -9.33
N SER B 215 -14.29 7.17 -8.16
CA SER B 215 -14.03 8.59 -8.07
C SER B 215 -12.67 8.92 -7.42
N ILE B 216 -11.90 7.91 -7.03
CA ILE B 216 -10.56 8.16 -6.50
C ILE B 216 -9.43 7.86 -7.51
N ASP B 217 -8.49 8.80 -7.62
CA ASP B 217 -7.22 8.52 -8.28
C ASP B 217 -6.27 7.81 -7.30
N ARG B 218 -6.27 6.46 -7.41
CA ARG B 218 -5.67 5.54 -6.47
C ARG B 218 -4.15 5.59 -6.42
N GLU B 219 -3.55 6.32 -7.35
CA GLU B 219 -2.10 6.50 -7.37
C GLU B 219 -1.64 7.84 -6.73
N LYS B 220 -2.57 8.77 -6.55
CA LYS B 220 -2.26 10.06 -5.96
C LYS B 220 -2.80 10.17 -4.53
N ILE B 221 -2.10 9.53 -3.60
CA ILE B 221 -2.46 9.56 -2.21
C ILE B 221 -1.40 10.22 -1.34
N ALA B 222 -1.86 11.19 -0.54
CA ALA B 222 -1.04 11.93 0.42
C ALA B 222 -1.65 11.93 1.84
N VAL B 223 -0.80 11.98 2.85
CA VAL B 223 -1.25 12.13 4.22
C VAL B 223 -0.74 13.52 4.70
N ILE B 224 -1.63 14.30 5.29
CA ILE B 224 -1.30 15.60 5.85
C ILE B 224 -1.74 15.60 7.29
N GLY B 225 -1.08 16.41 8.14
CA GLY B 225 -1.49 16.50 9.52
C GLY B 225 -0.78 17.58 10.31
N HIS B 226 -1.50 18.16 11.27
CA HIS B 226 -1.03 19.19 12.16
C HIS B 226 -0.56 18.60 13.46
N SER B 227 0.98 18.85 13.95
CA SER B 227 1.25 18.80 15.37
C SER B 227 1.34 17.36 15.80
N PHE B 228 0.35 16.40 16.68
CA PHE B 228 0.39 14.99 16.89
C PHE B 228 0.09 14.46 15.48
N GLY B 229 -0.63 15.25 14.68
CA GLY B 229 -0.92 14.88 13.29
C GLY B 229 0.24 14.89 12.33
N GLY B 230 1.31 15.60 12.71
CA GLY B 230 2.53 15.72 11.90
C GLY B 230 3.43 14.54 12.17
N ALA B 231 3.48 14.10 13.43
CA ALA B 231 4.13 12.82 13.79
C ALA B 231 3.39 11.62 13.17
N THR B 232 2.08 11.73 13.08
CA THR B 232 1.25 10.77 12.38
C THR B 232 1.60 10.65 10.91
N VAL B 233 1.75 11.76 10.22
CA VAL B 233 2.31 11.76 8.86
C VAL B 233 3.49 10.82 8.72
N ILE B 234 4.53 11.08 9.49
CA ILE B 234 5.77 10.37 9.40
C ILE B 234 5.62 8.88 9.70
N GLN B 235 4.87 8.56 10.74
CA GLN B 235 4.73 7.18 11.10
C GLN B 235 3.86 6.45 10.04
N THR B 236 2.95 7.17 9.40
CA THR B 236 2.00 6.51 8.50
C THR B 236 2.74 6.23 7.20
N LEU B 237 3.55 7.20 6.76
CA LEU B 237 4.40 7.06 5.57
C LEU B 237 5.36 5.87 5.64
N SER B 238 5.96 5.67 6.82
CA SER B 238 6.88 4.56 7.14
C SER B 238 6.20 3.16 7.28
N GLU B 239 4.94 3.13 7.73
CA GLU B 239 4.16 1.90 7.78
C GLU B 239 3.44 1.56 6.47
N ASP B 240 3.20 2.53 5.60
CA ASP B 240 2.20 2.33 4.56
C ASP B 240 2.65 3.00 3.26
N GLN B 241 3.29 2.18 2.44
CA GLN B 241 3.78 2.55 1.11
C GLN B 241 2.73 3.03 0.05
N ARG B 242 1.42 2.89 0.32
CA ARG B 242 0.38 3.49 -0.55
C ARG B 242 0.38 5.01 -0.59
N PHE B 243 0.81 5.63 0.50
CA PHE B 243 0.91 7.12 0.52
C PHE B 243 2.16 7.47 -0.21
N ARG B 244 2.07 8.41 -1.15
CA ARG B 244 3.20 8.77 -2.03
C ARG B 244 4.02 9.89 -1.40
N CYS B 245 3.39 10.67 -0.53
CA CYS B 245 4.06 11.83 0.07
C CYS B 245 3.29 12.26 1.31
N GLY B 246 3.97 13.01 2.17
CA GLY B 246 3.38 13.58 3.36
C GLY B 246 3.75 15.05 3.51
N ILE B 247 2.86 15.79 4.18
CA ILE B 247 3.12 17.14 4.69
C ILE B 247 2.83 17.20 6.20
N ALA B 248 3.88 17.50 6.96
CA ALA B 248 3.82 17.59 8.42
C ALA B 248 3.74 19.09 8.82
N LEU B 249 2.55 19.51 9.31
CA LEU B 249 2.28 20.90 9.65
C LEU B 249 2.59 21.03 11.08
N ASP B 250 3.72 21.67 11.39
CA ASP B 250 4.11 21.95 12.77
C ASP B 250 4.07 20.72 13.67
N ALA B 251 4.90 19.72 13.30
CA ALA B 251 4.80 18.41 13.86
C ALA B 251 5.41 18.36 15.25
N TRP B 252 4.83 17.53 16.09
CA TRP B 252 5.32 17.35 17.39
C TRP B 252 5.95 15.98 17.40
N MET B 253 7.29 15.93 17.47
CA MET B 253 8.00 14.70 17.10
C MET B 253 8.20 13.78 18.24
N PHE B 254 7.99 14.26 19.46
CA PHE B 254 8.10 13.40 20.62
C PHE B 254 7.43 12.00 20.52
N PRO B 255 6.21 11.89 19.95
CA PRO B 255 5.60 10.55 19.91
C PRO B 255 6.42 9.44 19.21
N LEU B 256 7.25 9.82 18.24
CA LEU B 256 7.93 8.90 17.37
C LEU B 256 9.13 8.18 18.02
N GLY B 257 9.24 6.90 17.66
CA GLY B 257 10.37 6.10 18.03
C GLY B 257 11.57 6.46 17.20
N ASP B 258 12.74 6.16 17.75
CA ASP B 258 14.02 6.53 17.12
C ASP B 258 14.30 5.79 15.81
N GLU B 259 13.64 4.64 15.67
CA GLU B 259 13.74 3.77 14.49
C GLU B 259 13.22 4.37 13.18
N VAL B 260 12.20 5.24 13.28
CA VAL B 260 11.39 5.56 12.11
C VAL B 260 11.99 6.61 11.20
N TYR B 261 12.84 7.48 11.76
CA TYR B 261 13.41 8.66 11.02
C TYR B 261 14.18 8.26 9.79
N SER B 262 14.83 7.11 9.87
CA SER B 262 15.59 6.56 8.74
C SER B 262 14.75 5.70 7.75
N ARG B 263 13.41 5.70 7.90
CA ARG B 263 12.56 4.71 7.24
C ARG B 263 11.32 5.35 6.66
N ILE B 264 11.52 6.51 6.05
CA ILE B 264 10.48 7.23 5.35
C ILE B 264 11.02 7.42 3.94
N PRO B 265 10.67 6.49 2.99
CA PRO B 265 10.94 6.59 1.55
C PRO B 265 10.40 7.82 0.83
N GLN B 266 9.18 8.18 1.16
CA GLN B 266 8.44 9.08 0.33
C GLN B 266 8.89 10.51 0.56
N PRO B 267 8.67 11.40 -0.43
CA PRO B 267 8.83 12.85 -0.15
C PRO B 267 8.01 13.39 1.10
N LEU B 268 8.68 14.26 1.88
CA LEU B 268 8.23 14.73 3.20
C LEU B 268 8.49 16.25 3.39
N PHE B 269 7.41 17.02 3.57
CA PHE B 269 7.44 18.50 3.63
C PHE B 269 7.01 18.96 5.02
N PHE B 270 7.96 19.55 5.77
CA PHE B 270 7.68 20.18 7.06
C PHE B 270 7.28 21.64 6.85
N ILE B 271 6.06 22.00 7.20
CA ILE B 271 5.65 23.40 7.25
C ILE B 271 5.43 23.70 8.71
N ASN B 272 6.34 24.52 9.26
CA ASN B 272 6.35 24.96 10.65
C ASN B 272 5.81 26.37 11.01
N SER B 273 5.47 26.54 12.29
CA SER B 273 5.16 27.88 12.79
C SER B 273 6.44 28.45 13.32
N GLU B 274 6.51 29.79 13.28
CA GLU B 274 7.64 30.48 13.86
C GLU B 274 7.83 30.18 15.31
N TYR B 275 6.76 30.15 16.13
CA TYR B 275 6.85 30.06 17.63
C TYR B 275 6.67 28.75 18.33
N PHE B 276 6.09 27.75 17.67
CA PHE B 276 5.96 26.46 18.33
C PHE B 276 7.30 25.75 18.51
N GLN B 277 8.21 25.92 17.57
CA GLN B 277 9.42 25.08 17.50
C GLN B 277 10.48 25.22 18.65
N TYR B 278 11.04 24.07 19.07
CA TYR B 278 12.18 24.01 19.96
C TYR B 278 13.30 23.16 19.33
N PRO B 279 14.48 23.03 20.00
CA PRO B 279 15.61 22.13 19.64
C PRO B 279 15.36 20.60 19.60
N ALA B 280 14.98 20.04 20.74
CA ALA B 280 14.65 18.66 20.86
C ALA B 280 13.78 18.17 19.67
N ASN B 281 12.84 19.03 19.26
CA ASN B 281 11.92 18.80 18.15
C ASN B 281 12.53 18.93 16.74
N ILE B 282 13.18 20.07 16.44
CA ILE B 282 13.93 20.24 15.16
C ILE B 282 15.04 19.17 14.92
N ILE B 283 15.56 18.56 15.98
CA ILE B 283 16.54 17.47 15.85
C ILE B 283 15.92 16.14 15.33
N LYS B 284 14.66 15.88 15.70
CA LYS B 284 13.94 14.74 15.17
C LYS B 284 13.67 14.95 13.69
N MET B 285 13.32 16.18 13.31
CA MET B 285 13.02 16.48 11.93
C MET B 285 14.23 16.24 11.09
N LYS B 286 15.33 16.92 11.46
CA LYS B 286 16.65 16.84 10.79
C LYS B 286 17.08 15.41 10.52
N LYS B 287 16.82 14.54 11.47
CA LYS B 287 17.23 13.18 11.33
C LYS B 287 16.32 12.26 10.43
N CYS B 288 15.31 12.90 9.81
CA CYS B 288 14.52 12.37 8.69
C CYS B 288 15.18 12.71 7.35
N TYR B 289 16.23 13.52 7.40
CA TYR B 289 16.95 13.95 6.18
C TYR B 289 17.92 12.88 5.57
N SER B 290 18.12 12.96 4.25
CA SER B 290 19.00 12.05 3.46
C SER B 290 19.34 12.60 2.07
N PRO B 291 20.59 12.42 1.60
CA PRO B 291 20.91 12.84 0.21
C PRO B 291 19.97 12.17 -0.81
N ASP B 292 19.52 10.96 -0.47
CA ASP B 292 18.65 10.12 -1.29
C ASP B 292 17.15 10.48 -1.25
N LYS B 293 16.68 10.99 -0.11
CA LYS B 293 15.26 11.30 0.06
C LYS B 293 14.91 12.78 -0.26
N GLU B 294 13.74 13.04 -0.83
CA GLU B 294 13.24 14.39 -0.94
C GLU B 294 12.60 14.88 0.39
N ARG B 295 13.22 15.92 0.97
CA ARG B 295 12.73 16.70 2.10
C ARG B 295 12.72 18.20 1.78
N LYS B 296 11.66 18.86 2.23
CA LYS B 296 11.60 20.32 2.25
C LYS B 296 11.16 20.75 3.66
N MET B 297 11.43 22.03 3.98
CA MET B 297 11.15 22.61 5.33
C MET B 297 11.05 24.10 5.15
N ILE B 298 9.97 24.64 5.67
CA ILE B 298 9.76 26.08 5.83
C ILE B 298 9.16 26.38 7.18
N THR B 299 9.29 27.66 7.55
CA THR B 299 8.73 28.26 8.75
C THR B 299 8.01 29.52 8.28
N ILE B 300 6.75 29.67 8.73
CA ILE B 300 5.90 30.83 8.41
C ILE B 300 6.19 31.89 9.50
N ARG B 301 6.42 33.11 9.05
CA ARG B 301 7.05 34.14 9.87
C ARG B 301 5.98 34.73 10.78
N GLY B 302 6.27 34.76 12.08
CA GLY B 302 5.35 35.27 13.14
C GLY B 302 4.40 34.25 13.75
N SER B 303 4.15 33.18 12.98
CA SER B 303 3.01 32.31 13.13
C SER B 303 3.07 31.56 14.43
N VAL B 304 1.91 31.16 14.93
CA VAL B 304 1.88 30.32 16.13
C VAL B 304 1.40 28.92 15.76
N HIS B 305 1.51 27.99 16.68
CA HIS B 305 1.00 26.63 16.48
C HIS B 305 -0.45 26.62 15.89
N GLN B 306 -1.30 27.50 16.43
CA GLN B 306 -2.73 27.43 16.20
C GLN B 306 -3.15 28.01 14.88
N ASN B 307 -2.21 28.72 14.24
CA ASN B 307 -2.38 29.20 12.88
C ASN B 307 -2.85 28.14 11.82
N PHE B 308 -2.54 26.87 12.05
CA PHE B 308 -2.86 25.82 11.09
C PHE B 308 -4.30 25.28 11.26
N ALA B 309 -4.88 25.47 12.46
CA ALA B 309 -6.20 24.97 12.86
C ALA B 309 -7.26 26.08 12.82
N ASP B 310 -8.53 25.70 12.88
CA ASP B 310 -9.60 26.63 12.58
C ASP B 310 -9.90 27.66 13.66
N PHE B 311 -9.45 27.45 14.89
CA PHE B 311 -9.67 28.41 16.03
C PHE B 311 -8.95 29.74 15.79
N THR B 312 -7.98 29.75 14.89
CA THR B 312 -7.36 31.01 14.43
C THR B 312 -8.34 31.93 13.74
N PHE B 313 -9.47 31.39 13.30
CA PHE B 313 -10.46 32.22 12.65
C PHE B 313 -11.69 32.49 13.52
N ALA B 314 -11.73 31.93 14.74
CA ALA B 314 -12.98 31.84 15.51
C ALA B 314 -13.23 33.00 16.48
N THR B 315 -12.21 33.80 16.70
CA THR B 315 -12.27 34.97 17.59
C THR B 315 -11.70 36.21 16.88
N GLY B 316 -11.83 37.38 17.53
CA GLY B 316 -11.16 38.61 17.04
C GLY B 316 -9.67 38.64 17.28
N LYS B 317 -8.99 39.62 16.66
CA LYS B 317 -7.53 39.80 16.79
C LYS B 317 -7.01 39.89 18.22
N ILE B 318 -7.63 40.77 19.02
CA ILE B 318 -7.16 40.98 20.40
C ILE B 318 -7.34 39.72 21.26
N ILE B 319 -8.53 39.14 21.28
CA ILE B 319 -8.76 37.86 21.97
C ILE B 319 -7.85 36.77 21.36
N GLY B 320 -7.85 36.70 20.03
CA GLY B 320 -7.03 35.76 19.28
C GLY B 320 -5.58 35.75 19.70
N HIS B 321 -4.98 36.93 19.71
CA HIS B 321 -3.58 37.06 20.11
C HIS B 321 -3.39 36.78 21.60
N MET B 322 -4.38 37.14 22.42
CA MET B 322 -4.30 36.88 23.87
C MET B 322 -4.14 35.40 24.15
N LEU B 323 -5.03 34.59 23.58
CA LEU B 323 -5.04 33.16 23.81
C LEU B 323 -4.08 32.37 22.90
N LYS B 324 -3.35 33.07 22.05
CA LYS B 324 -2.38 32.49 21.11
C LYS B 324 -3.04 31.59 20.05
N LEU B 325 -4.22 32.03 19.61
CA LEU B 325 -4.88 31.51 18.42
C LEU B 325 -4.40 32.18 17.13
N LYS B 326 -3.78 33.34 17.32
CA LYS B 326 -3.34 34.21 16.22
C LYS B 326 -1.92 34.61 16.51
N GLY B 327 -1.17 34.87 15.43
CA GLY B 327 0.22 35.29 15.60
C GLY B 327 0.35 36.70 15.09
N ASP B 328 1.59 37.10 14.84
CA ASP B 328 1.88 38.38 14.20
C ASP B 328 1.28 38.50 12.82
N ILE B 329 1.59 37.48 12.04
CA ILE B 329 1.14 37.33 10.69
C ILE B 329 -0.38 37.26 10.74
N ASP B 330 -1.06 37.72 9.71
CA ASP B 330 -2.48 37.58 9.73
C ASP B 330 -2.82 36.10 9.41
N SER B 331 -3.98 35.66 9.93
CA SER B 331 -4.56 34.33 9.70
C SER B 331 -4.88 33.89 8.25
N ASN B 332 -5.70 34.62 7.52
CA ASN B 332 -5.91 34.27 6.12
C ASN B 332 -4.58 34.22 5.34
N VAL B 333 -3.65 35.12 5.70
CA VAL B 333 -2.38 35.18 5.02
C VAL B 333 -1.54 33.95 5.28
N ALA B 334 -1.44 33.55 6.55
CA ALA B 334 -0.60 32.43 6.93
C ALA B 334 -1.16 31.12 6.36
N ILE B 335 -2.49 31.00 6.29
CA ILE B 335 -3.13 29.77 5.81
C ILE B 335 -2.98 29.66 4.30
N ASP B 336 -3.10 30.81 3.64
CA ASP B 336 -2.81 30.92 2.22
C ASP B 336 -1.42 30.45 1.88
N LEU B 337 -0.45 30.78 2.73
CA LEU B 337 0.95 30.43 2.47
C LEU B 337 1.09 28.93 2.51
N SER B 338 0.93 28.38 3.72
CA SER B 338 0.78 26.94 3.98
C SER B 338 0.00 26.17 2.86
N ASN B 339 -1.16 26.66 2.43
CA ASN B 339 -2.00 25.98 1.44
C ASN B 339 -1.41 25.91 0.01
N LYS B 340 -0.92 27.07 -0.45
CA LYS B 340 -0.11 27.18 -1.66
C LYS B 340 1.21 26.41 -1.55
N ALA B 341 1.98 26.61 -0.51
CA ALA B 341 3.12 25.76 -0.33
C ALA B 341 2.69 24.30 -0.56
N SER B 342 1.57 23.89 0.09
CA SER B 342 1.11 22.49 0.11
C SER B 342 0.66 22.00 -1.27
N LEU B 343 -0.10 22.83 -1.98
CA LEU B 343 -0.54 22.50 -3.29
C LEU B 343 0.66 22.30 -4.26
N ALA B 344 1.69 23.12 -4.10
CA ALA B 344 2.87 22.95 -4.92
C ALA B 344 3.57 21.65 -4.58
N PHE B 345 3.77 21.38 -3.30
CA PHE B 345 4.46 20.15 -2.95
C PHE B 345 3.70 18.85 -3.36
N LEU B 346 2.37 18.86 -3.17
CA LEU B 346 1.49 17.84 -3.69
C LEU B 346 1.56 17.64 -5.21
N GLN B 347 1.46 18.72 -6.00
CA GLN B 347 1.58 18.61 -7.46
C GLN B 347 2.87 17.91 -7.94
N LYS B 348 3.98 18.18 -7.25
CA LYS B 348 5.28 17.68 -7.61
C LYS B 348 5.32 16.20 -7.39
N HIS B 349 4.93 15.78 -6.20
CA HIS B 349 5.20 14.45 -5.78
C HIS B 349 4.01 13.54 -5.98
N LEU B 350 2.90 14.10 -6.42
CA LEU B 350 1.75 13.31 -6.86
C LEU B 350 1.62 13.28 -8.38
N GLY B 351 2.33 14.20 -9.04
CA GLY B 351 2.28 14.30 -10.48
C GLY B 351 0.93 14.82 -10.91
N LEU B 352 0.50 15.92 -10.31
CA LEU B 352 -0.77 16.47 -10.68
C LEU B 352 -0.58 17.38 -11.88
N HIS B 353 -1.67 17.54 -12.62
CA HIS B 353 -1.69 18.26 -13.87
C HIS B 353 -2.45 19.55 -13.67
N LYS B 354 -1.89 20.40 -12.82
CA LYS B 354 -2.46 21.72 -12.50
C LYS B 354 -1.40 22.85 -12.49
N ASP B 355 -1.88 24.03 -12.08
CA ASP B 355 -1.17 25.31 -12.06
C ASP B 355 -0.30 25.50 -10.81
N PHE B 356 -0.45 24.60 -9.84
CA PHE B 356 0.03 24.84 -8.48
C PHE B 356 1.53 25.05 -8.39
N ASP B 357 2.27 24.64 -9.43
CA ASP B 357 3.74 24.86 -9.44
C ASP B 357 4.08 26.36 -9.54
N GLN B 358 3.11 27.17 -9.94
CA GLN B 358 3.20 28.62 -9.73
C GLN B 358 3.74 29.02 -8.32
N TRP B 359 3.53 28.14 -7.33
CA TRP B 359 3.93 28.33 -5.93
C TRP B 359 5.17 27.53 -5.47
N ASP B 360 6.02 27.08 -6.40
CA ASP B 360 7.21 26.28 -6.04
C ASP B 360 8.22 27.09 -5.27
N CYS B 361 8.24 28.40 -5.48
CA CYS B 361 9.07 29.33 -4.66
C CYS B 361 8.79 29.15 -3.17
N LEU B 362 7.49 29.06 -2.87
CA LEU B 362 6.99 28.77 -1.53
C LEU B 362 7.62 27.52 -0.91
N ILE B 363 7.72 26.41 -1.65
CA ILE B 363 8.34 25.19 -1.09
C ILE B 363 9.75 25.50 -0.56
N GLU B 364 10.42 26.48 -1.17
CA GLU B 364 11.81 26.85 -0.80
C GLU B 364 11.98 27.91 0.35
N GLY B 365 10.94 28.71 0.59
CA GLY B 365 11.00 29.82 1.53
C GLY B 365 11.07 31.21 0.90
N ASP B 366 10.58 31.34 -0.35
CA ASP B 366 10.74 32.57 -1.16
C ASP B 366 9.60 33.60 -1.04
N ASP B 367 9.42 34.14 0.18
CA ASP B 367 8.37 35.13 0.49
C ASP B 367 8.85 35.91 1.71
N GLU B 368 8.42 37.17 1.86
CA GLU B 368 8.72 37.93 3.11
C GLU B 368 8.37 37.12 4.34
N ASN B 369 7.33 36.32 4.17
CA ASN B 369 6.67 35.68 5.30
C ASN B 369 7.13 34.26 5.50
N LEU B 370 8.25 33.90 4.84
CA LEU B 370 8.83 32.56 4.93
C LEU B 370 10.32 32.53 5.27
N ILE B 371 10.73 31.54 6.04
CA ILE B 371 12.13 31.18 6.24
C ILE B 371 12.37 29.70 5.74
N PRO B 372 13.48 29.44 4.97
CA PRO B 372 13.77 28.07 4.56
C PRO B 372 14.23 27.31 5.78
N GLY B 373 13.90 26.05 5.93
CA GLY B 373 14.30 25.38 7.18
C GLY B 373 13.74 26.11 8.41
N THR B 374 14.54 26.21 9.47
CA THR B 374 14.08 26.81 10.70
C THR B 374 15.06 27.89 11.20
N ASN B 375 14.59 28.79 12.08
CA ASN B 375 15.48 29.70 12.80
C ASN B 375 16.28 28.97 13.88
N ILE B 376 15.83 27.78 14.22
CA ILE B 376 16.56 26.96 15.17
C ILE B 376 17.71 26.33 14.38
N ASN B 377 18.92 26.75 14.68
CA ASN B 377 20.05 26.48 13.83
C ASN B 377 20.87 25.30 14.35
N THR B 378 20.46 24.79 15.50
CA THR B 378 21.20 23.78 16.21
C THR B 378 21.27 22.42 15.53
N THR B 379 22.48 21.86 15.60
CA THR B 379 23.17 21.30 14.51
C THR B 379 24.02 20.11 14.81
N ASN B 380 24.07 19.25 13.82
CA ASN B 380 25.14 18.27 13.59
C ASN B 380 26.51 18.61 14.24
#